data_3VRY
#
_entry.id   3VRY
#
_cell.length_a   48.590
_cell.length_b   73.880
_cell.length_c   178.470
_cell.angle_alpha   90.00
_cell.angle_beta   95.84
_cell.angle_gamma   90.00
#
_symmetry.space_group_name_H-M   'P 1 21 1'
#
loop_
_entity.id
_entity.type
_entity.pdbx_description
1 polymer 'Tyrosine-protein kinase HCK'
2 non-polymer 4-Amino-5-(4-phenoxyphenyl)-7H-pyrrolo[2,3-d]pyrimidin-7-yl-cyclopentane
3 non-polymer 'CHLORIDE ION'
4 non-polymer 'CALCIUM ION'
5 water water
#
_entity_poly.entity_id   1
_entity_poly.type   'polypeptide(L)'
_entity_poly.pdbx_seq_one_letter_code
;GAMGSGIRIIVVALYDYEAIHHEDLSFQKGDQMVVLEESGEWWKARSLATRKEGYIPSNYVARVDSLETEEWFFKGISRK
DAERQLLAPGNMLGSFMIRDSETTKGSYSLSVRDYDPRQGDTVKHYKIRTLDNGGFYISPRSTFSTLQELVDHYKKGNDG
LCQKLSVPCMSSKPQKPWEKDAWEIPRESLKLEKKLGAGQFGEVWMATYNKHTKVAVKTMKPGSMSVEAFLAEANVMKTL
QHDKLVKLHAVVTKEPIYIITEFMAKGSLLDFLKSDEGSKQPLPKLIDFSAQIAEGMAFIEQRNYIHRDLRAANILVSAS
LVCKIADFGLARVIEDNEYTAREGAKFPIKWTAPEAINFGSFTIKSDVWSFGILLMEIVTYGRIPYPGMSNPEVIRALER
GYRMPRPENCPEELYNIMMRCWKNRPEERPTFEYIQSVLDDFYTATESQ(PTR)EEIP
;
_entity_poly.pdbx_strand_id   A,B
#
# COMPACT_ATOMS: atom_id res chain seq x y z
N ARG A 8 -11.94 30.16 35.56
CA ARG A 8 -11.76 31.34 34.71
C ARG A 8 -10.89 31.05 33.49
N ILE A 9 -11.51 30.80 32.34
CA ILE A 9 -10.76 30.46 31.15
C ILE A 9 -10.48 31.71 30.29
N ILE A 10 -9.20 31.99 30.08
CA ILE A 10 -8.81 33.07 29.19
C ILE A 10 -8.31 32.47 27.88
N VAL A 11 -8.80 32.99 26.75
CA VAL A 11 -8.31 32.54 25.47
C VAL A 11 -7.69 33.71 24.75
N VAL A 12 -7.08 33.44 23.60
CA VAL A 12 -6.42 34.49 22.85
C VAL A 12 -6.74 34.40 21.35
N ALA A 13 -6.89 35.54 20.71
CA ALA A 13 -7.23 35.59 19.30
C ALA A 13 -6.02 35.22 18.46
N LEU A 14 -6.18 34.19 17.62
CA LEU A 14 -5.13 33.80 16.69
C LEU A 14 -5.18 34.61 15.39
N TYR A 15 -6.35 35.14 15.05
CA TYR A 15 -6.52 35.94 13.84
C TYR A 15 -7.35 37.20 14.09
N ASP A 16 -7.39 38.08 13.10
CA ASP A 16 -8.30 39.20 13.16
C ASP A 16 -9.69 38.70 12.75
N TYR A 17 -10.72 39.36 13.28
CA TYR A 17 -12.10 38.98 12.97
C TYR A 17 -13.06 40.15 13.07
N GLU A 18 -13.75 40.45 11.97
CA GLU A 18 -14.83 41.44 11.97
C GLU A 18 -16.13 40.73 12.28
N ALA A 19 -16.86 41.21 13.28
CA ALA A 19 -18.22 40.73 13.51
C ALA A 19 -19.08 41.08 12.29
N ILE A 20 -20.03 40.20 11.96
CA ILE A 20 -20.92 40.42 10.80
C ILE A 20 -22.35 40.01 11.14
N HIS A 21 -22.56 39.47 12.34
CA HIS A 21 -23.90 39.10 12.73
C HIS A 21 -24.44 40.05 13.78
N HIS A 22 -25.57 39.69 14.37
CA HIS A 22 -26.13 40.48 15.45
C HIS A 22 -25.24 40.56 16.70
N GLU A 23 -24.86 39.42 17.26
CA GLU A 23 -24.24 39.42 18.56
C GLU A 23 -22.82 38.82 18.63
N ASP A 24 -22.12 38.79 17.51
CA ASP A 24 -20.74 38.33 17.55
C ASP A 24 -19.83 39.51 17.85
N LEU A 25 -18.62 39.25 18.36
CA LEU A 25 -17.69 40.33 18.70
C LEU A 25 -16.63 40.54 17.64
N SER A 26 -16.21 41.79 17.45
CA SER A 26 -14.99 42.08 16.69
C SER A 26 -13.74 41.99 17.58
N PHE A 27 -12.64 41.45 17.07
CA PHE A 27 -11.40 41.43 17.84
C PHE A 27 -10.15 41.32 16.96
N GLN A 28 -8.98 41.60 17.53
CA GLN A 28 -7.70 41.55 16.79
C GLN A 28 -6.81 40.42 17.28
N LYS A 29 -5.89 40.00 16.43
CA LYS A 29 -4.88 39.01 16.81
C LYS A 29 -4.13 39.54 18.04
N GLY A 30 -4.18 38.79 19.13
CA GLY A 30 -3.56 39.22 20.37
C GLY A 30 -4.55 39.47 21.50
N ASP A 31 -5.77 39.87 21.14
CA ASP A 31 -6.81 40.11 22.13
C ASP A 31 -7.07 38.89 22.98
N GLN A 32 -7.12 39.09 24.29
CA GLN A 32 -7.51 38.02 25.19
C GLN A 32 -8.96 38.20 25.55
N MET A 33 -9.59 37.10 25.91
CA MET A 33 -11.02 37.08 26.13
C MET A 33 -11.34 36.07 27.21
N VAL A 34 -12.45 36.30 27.88
CA VAL A 34 -12.91 35.41 28.94
C VAL A 34 -14.00 34.55 28.33
N VAL A 35 -13.78 33.24 28.31
CA VAL A 35 -14.78 32.33 27.80
C VAL A 35 -15.94 32.29 28.77
N LEU A 36 -17.16 32.50 28.28
CA LEU A 36 -18.33 32.46 29.15
C LEU A 36 -19.16 31.20 28.90
N GLU A 37 -18.93 30.53 27.77
CA GLU A 37 -19.73 29.38 27.38
C GLU A 37 -19.17 28.75 26.13
N GLU A 38 -19.17 27.42 26.07
CA GLU A 38 -18.60 26.70 24.93
C GLU A 38 -19.68 25.92 24.16
N SER A 39 -20.35 26.61 23.24
CA SER A 39 -21.54 26.08 22.58
C SER A 39 -21.29 25.44 21.21
N GLY A 40 -20.06 25.07 20.92
CA GLY A 40 -19.74 24.47 19.62
C GLY A 40 -18.85 25.35 18.76
N GLU A 41 -19.36 25.75 17.59
CA GLU A 41 -18.55 26.57 16.68
C GLU A 41 -18.48 28.01 17.16
N TRP A 42 -19.53 28.47 17.83
CA TRP A 42 -19.54 29.79 18.42
C TRP A 42 -19.52 29.65 19.93
N TRP A 43 -18.68 30.44 20.58
CA TRP A 43 -18.63 30.45 22.02
C TRP A 43 -19.03 31.82 22.51
N LYS A 44 -19.57 31.88 23.72
CA LYS A 44 -19.82 33.17 24.35
C LYS A 44 -18.54 33.60 25.02
N ALA A 45 -18.17 34.86 24.86
CA ALA A 45 -16.97 35.38 25.51
C ALA A 45 -17.03 36.87 25.88
N ARG A 46 -16.06 37.32 26.68
CA ARG A 46 -15.92 38.74 27.00
C ARG A 46 -14.53 39.21 26.59
N SER A 47 -14.48 40.15 25.65
CA SER A 47 -13.21 40.69 25.19
C SER A 47 -12.58 41.51 26.30
N LEU A 48 -11.30 41.29 26.60
CA LEU A 48 -10.62 42.14 27.59
C LEU A 48 -10.20 43.48 27.01
N ALA A 49 -10.31 43.61 25.69
CA ALA A 49 -9.98 44.85 25.01
C ALA A 49 -11.17 45.82 25.01
N THR A 50 -12.37 45.29 24.74
CA THR A 50 -13.56 46.13 24.57
C THR A 50 -14.52 46.04 25.73
N ARG A 51 -14.41 44.96 26.50
CA ARG A 51 -15.26 44.68 27.65
C ARG A 51 -16.66 44.36 27.14
N LYS A 52 -16.72 43.91 25.89
CA LYS A 52 -17.96 43.53 25.24
C LYS A 52 -18.23 42.03 25.35
N GLU A 53 -19.47 41.67 25.68
CA GLU A 53 -19.88 40.27 25.75
C GLU A 53 -20.62 39.85 24.47
N GLY A 54 -20.16 38.75 23.86
CA GLY A 54 -20.85 38.19 22.71
C GLY A 54 -20.29 36.87 22.21
N TYR A 55 -20.36 36.68 20.90
CA TYR A 55 -20.01 35.43 20.28
C TYR A 55 -18.74 35.50 19.48
N ILE A 56 -17.96 34.43 19.57
CA ILE A 56 -16.73 34.31 18.81
C ILE A 56 -16.60 32.93 18.15
N PRO A 57 -15.95 32.88 16.98
CA PRO A 57 -15.72 31.55 16.38
C PRO A 57 -14.73 30.77 17.23
N SER A 58 -15.15 29.61 17.72
CA SER A 58 -14.33 28.84 18.66
C SER A 58 -12.96 28.44 18.10
N ASN A 59 -12.85 28.39 16.76
CA ASN A 59 -11.59 28.04 16.10
C ASN A 59 -10.68 29.22 15.75
N TYR A 60 -11.07 30.42 16.19
CA TYR A 60 -10.25 31.60 15.95
C TYR A 60 -9.41 31.88 17.20
N VAL A 61 -9.60 31.05 18.22
CA VAL A 61 -8.89 31.22 19.49
C VAL A 61 -8.39 29.91 20.11
N ALA A 62 -7.46 30.04 21.05
CA ALA A 62 -6.95 28.91 21.84
C ALA A 62 -6.67 29.36 23.27
N ARG A 63 -6.35 28.42 24.14
CA ARG A 63 -6.01 28.80 25.51
C ARG A 63 -4.67 29.54 25.54
N VAL A 64 -4.51 30.41 26.52
CA VAL A 64 -3.32 31.26 26.56
C VAL A 64 -2.06 30.44 26.86
N ASP A 65 -0.95 30.82 26.20
CA ASP A 65 0.33 30.11 26.29
C ASP A 65 0.29 28.62 25.86
N SER A 66 -0.88 28.19 25.36
CA SER A 66 -1.05 26.88 24.73
C SER A 66 -0.24 26.84 23.44
N LEU A 67 0.08 25.63 22.97
CA LEU A 67 0.90 25.45 21.77
C LEU A 67 0.29 26.08 20.53
N GLU A 68 -1.04 26.13 20.48
CA GLU A 68 -1.75 26.63 19.30
C GLU A 68 -1.53 28.11 19.12
N THR A 69 -1.16 28.78 20.20
CA THR A 69 -0.78 30.18 20.13
C THR A 69 0.49 30.35 19.27
N GLU A 70 1.30 29.31 19.18
CA GLU A 70 2.62 29.45 18.54
C GLU A 70 2.54 29.50 17.03
N GLU A 71 3.26 30.45 16.44
CA GLU A 71 3.24 30.63 14.98
C GLU A 71 3.69 29.35 14.25
N TRP A 72 4.70 28.70 14.80
CA TRP A 72 5.28 27.50 14.21
C TRP A 72 4.51 26.22 14.51
N PHE A 73 3.37 26.32 15.20
CA PHE A 73 2.63 25.12 15.55
C PHE A 73 1.28 24.92 14.84
N PHE A 74 1.09 23.70 14.34
CA PHE A 74 -0.07 23.35 13.52
C PHE A 74 -0.77 22.09 14.04
N LYS A 75 -1.97 22.28 14.59
CA LYS A 75 -2.73 21.21 15.23
C LYS A 75 -3.53 20.39 14.21
N GLY A 76 -3.59 19.08 14.43
CA GLY A 76 -4.43 18.21 13.61
C GLY A 76 -4.10 18.15 12.12
N ILE A 77 -2.86 18.48 11.77
CA ILE A 77 -2.43 18.51 10.39
C ILE A 77 -1.63 17.24 10.08
N SER A 78 -1.97 16.61 8.96
CA SER A 78 -1.34 15.34 8.60
C SER A 78 -0.03 15.55 7.85
N ARG A 79 0.84 14.54 7.92
CA ARG A 79 2.11 14.57 7.22
C ARG A 79 1.94 15.04 5.78
N LYS A 80 0.94 14.50 5.08
CA LYS A 80 0.74 14.92 3.69
C LYS A 80 0.20 16.34 3.53
N ASP A 81 -0.64 16.78 4.48
CA ASP A 81 -1.18 18.13 4.40
C ASP A 81 -0.14 19.14 4.86
N ALA A 82 0.63 18.77 5.89
CA ALA A 82 1.78 19.54 6.33
C ALA A 82 2.66 19.79 5.12
N GLU A 83 2.83 18.75 4.33
CA GLU A 83 3.66 18.82 3.14
C GLU A 83 3.06 19.74 2.07
N ARG A 84 1.74 19.81 1.97
CA ARG A 84 1.12 20.75 1.02
C ARG A 84 1.19 22.21 1.47
N GLN A 85 1.24 22.41 2.78
CA GLN A 85 1.20 23.77 3.29
C GLN A 85 2.57 24.43 3.18
N LEU A 86 3.61 23.61 3.28
CA LEU A 86 4.96 24.11 3.21
C LEU A 86 5.43 24.31 1.76
N LEU A 87 4.69 23.73 0.81
CA LEU A 87 4.99 23.93 -0.60
C LEU A 87 4.03 24.92 -1.22
N ALA A 88 3.25 25.60 -0.38
CA ALA A 88 2.37 26.65 -0.86
C ALA A 88 3.18 27.92 -1.03
N PRO A 89 2.79 28.77 -1.98
CA PRO A 89 3.47 30.05 -2.23
C PRO A 89 3.66 30.90 -0.98
N GLY A 90 4.79 31.60 -0.91
CA GLY A 90 5.09 32.44 0.23
C GLY A 90 5.96 31.74 1.27
N ASN A 91 6.40 30.52 0.96
CA ASN A 91 7.34 29.83 1.82
C ASN A 91 8.75 29.87 1.20
N MET A 92 9.71 29.27 1.90
CA MET A 92 11.12 29.36 1.50
C MET A 92 11.87 28.13 2.01
N LEU A 93 13.12 27.97 1.57
CA LEU A 93 13.98 26.95 2.17
C LEU A 93 13.97 27.18 3.66
N GLY A 94 13.99 26.10 4.42
CA GLY A 94 14.02 26.18 5.86
C GLY A 94 12.67 26.45 6.50
N SER A 95 11.66 26.80 5.70
CA SER A 95 10.33 27.02 6.27
C SER A 95 9.89 25.74 6.97
N PHE A 96 9.32 25.88 8.16
CA PHE A 96 9.10 24.71 8.97
C PHE A 96 7.78 24.75 9.72
N MET A 97 7.54 23.70 10.50
CA MET A 97 6.41 23.64 11.41
C MET A 97 6.56 22.47 12.36
N ILE A 98 5.79 22.49 13.43
CA ILE A 98 5.74 21.41 14.38
C ILE A 98 4.29 21.03 14.53
N ARG A 99 3.99 19.74 14.44
CA ARG A 99 2.61 19.28 14.44
C ARG A 99 2.44 18.01 15.25
N ASP A 100 1.20 17.68 15.60
CA ASP A 100 0.92 16.35 16.15
C ASP A 100 1.32 15.30 15.12
N SER A 101 2.05 14.30 15.59
CA SER A 101 2.38 13.13 14.76
C SER A 101 1.14 12.27 14.57
N GLU A 102 1.02 11.66 13.39
CA GLU A 102 -0.08 10.74 13.09
C GLU A 102 0.20 9.36 13.65
N THR A 103 1.42 8.88 13.45
CA THR A 103 1.76 7.52 13.88
C THR A 103 2.00 7.41 15.37
N THR A 104 2.98 8.14 15.88
CA THR A 104 3.22 8.15 17.33
C THR A 104 2.22 9.09 18.03
N LYS A 105 1.03 8.56 18.35
CA LYS A 105 -0.08 9.38 18.85
C LYS A 105 0.18 10.05 20.20
N GLY A 106 -0.11 11.35 20.29
CA GLY A 106 0.21 12.11 21.48
C GLY A 106 1.61 12.69 21.44
N SER A 107 2.33 12.41 20.36
CA SER A 107 3.68 12.96 20.23
C SER A 107 3.73 13.93 19.05
N TYR A 108 4.86 14.59 18.87
CA TYR A 108 4.97 15.64 17.87
C TYR A 108 5.96 15.31 16.76
N SER A 109 5.94 16.08 15.69
CA SER A 109 6.93 15.95 14.62
C SER A 109 7.26 17.31 14.04
N LEU A 110 8.46 17.44 13.49
CA LEU A 110 8.88 18.68 12.84
C LEU A 110 8.91 18.44 11.34
N SER A 111 8.36 19.37 10.57
CA SER A 111 8.38 19.25 9.12
C SER A 111 9.15 20.45 8.54
N VAL A 112 10.16 20.19 7.71
CA VAL A 112 11.00 21.27 7.16
C VAL A 112 11.04 21.30 5.64
N ARG A 113 10.94 22.50 5.08
CA ARG A 113 11.12 22.67 3.65
C ARG A 113 12.59 22.51 3.23
N ASP A 114 12.80 21.84 2.10
CA ASP A 114 14.13 21.51 1.62
C ASP A 114 14.20 21.75 0.11
N TYR A 115 15.41 21.69 -0.41
CA TYR A 115 15.64 21.44 -1.81
C TYR A 115 16.56 20.23 -1.96
N ASP A 116 16.02 19.18 -2.59
CA ASP A 116 16.80 18.00 -2.91
C ASP A 116 17.36 18.17 -4.31
N PRO A 117 18.62 17.78 -4.50
CA PRO A 117 19.33 17.79 -5.79
C PRO A 117 18.51 17.11 -6.90
N ARG A 118 18.01 15.91 -6.60
CA ARG A 118 17.27 15.07 -7.54
C ARG A 118 15.76 15.34 -7.60
N GLN A 119 15.17 15.62 -6.44
CA GLN A 119 13.72 15.75 -6.35
C GLN A 119 13.20 17.18 -6.52
N GLY A 120 13.92 18.14 -5.95
CA GLY A 120 13.50 19.53 -6.01
C GLY A 120 13.13 20.04 -4.63
N ASP A 121 12.19 20.98 -4.57
CA ASP A 121 11.62 21.35 -3.28
C ASP A 121 10.82 20.18 -2.71
N THR A 122 11.26 19.69 -1.55
CA THR A 122 10.51 18.66 -0.82
C THR A 122 10.27 19.12 0.61
N VAL A 123 9.77 18.21 1.43
CA VAL A 123 9.54 18.50 2.85
C VAL A 123 9.92 17.26 3.60
N LYS A 124 10.86 17.40 4.53
CA LYS A 124 11.26 16.24 5.30
C LYS A 124 10.54 16.31 6.64
N HIS A 125 10.44 15.16 7.29
CA HIS A 125 9.78 15.09 8.58
C HIS A 125 10.66 14.36 9.56
N TYR A 126 10.61 14.81 10.82
CA TYR A 126 11.38 14.22 11.89
C TYR A 126 10.47 14.02 13.06
N LYS A 127 10.75 13.00 13.87
CA LYS A 127 10.00 12.77 15.09
C LYS A 127 10.61 13.49 16.27
N ILE A 128 9.85 13.53 17.37
CA ILE A 128 10.26 14.19 18.59
C ILE A 128 9.75 13.33 19.74
N ARG A 129 10.55 13.16 20.78
CA ARG A 129 10.19 12.22 21.84
C ARG A 129 10.01 12.90 23.20
N PHE A 136 12.11 16.51 25.74
CA PHE A 136 11.95 16.57 24.29
C PHE A 136 13.27 16.54 23.52
N TYR A 137 13.37 15.63 22.57
CA TYR A 137 14.54 15.59 21.68
C TYR A 137 14.20 14.95 20.35
N ILE A 138 14.92 15.39 19.32
CA ILE A 138 14.92 14.69 18.05
C ILE A 138 16.13 13.77 18.09
N SER A 139 17.21 14.26 18.71
CA SER A 139 18.49 13.58 18.75
C SER A 139 19.01 13.50 20.20
N PRO A 140 19.82 12.47 20.51
CA PRO A 140 20.40 12.33 21.85
C PRO A 140 21.34 13.49 22.20
N ARG A 141 22.09 13.93 21.20
CA ARG A 141 23.11 14.96 21.37
C ARG A 141 22.51 16.36 21.60
N SER A 142 21.18 16.43 21.61
CA SER A 142 20.50 17.72 21.82
C SER A 142 19.11 17.55 22.44
N THR A 143 19.03 17.74 23.75
CA THR A 143 17.76 17.67 24.45
C THR A 143 17.28 19.08 24.85
N PHE A 144 15.96 19.30 24.80
CA PHE A 144 15.37 20.56 25.25
C PHE A 144 14.11 20.27 26.09
N SER A 145 13.57 21.30 26.75
CA SER A 145 12.43 21.13 27.66
C SER A 145 11.16 21.85 27.18
N THR A 146 11.33 22.71 26.18
CA THR A 146 10.22 23.29 25.44
C THR A 146 10.50 23.09 23.96
N LEU A 147 9.44 23.03 23.16
CA LEU A 147 9.61 22.96 21.71
C LEU A 147 10.15 24.28 21.21
N GLN A 148 9.88 25.36 21.96
CA GLN A 148 10.38 26.67 21.61
C GLN A 148 11.91 26.65 21.70
N GLU A 149 12.41 25.99 22.76
CA GLU A 149 13.85 25.76 22.94
C GLU A 149 14.40 25.08 21.69
N LEU A 150 13.79 23.94 21.35
CA LEU A 150 14.12 23.18 20.14
C LEU A 150 14.16 24.05 18.90
N VAL A 151 13.13 24.88 18.72
CA VAL A 151 13.01 25.67 17.51
C VAL A 151 14.17 26.64 17.33
N ASP A 152 14.46 27.44 18.35
CA ASP A 152 15.55 28.42 18.23
C ASP A 152 16.92 27.77 17.98
N HIS A 153 17.13 26.57 18.52
CA HIS A 153 18.39 25.88 18.27
C HIS A 153 18.59 25.60 16.78
N TYR A 154 17.57 25.08 16.12
CA TYR A 154 17.72 24.71 14.71
C TYR A 154 17.52 25.90 13.77
N LYS A 155 17.09 27.03 14.32
CA LYS A 155 17.14 28.33 13.61
C LYS A 155 18.59 28.80 13.61
N LYS A 156 19.32 28.42 14.66
CA LYS A 156 20.73 28.77 14.84
C LYS A 156 21.61 27.62 14.30
N GLY A 157 21.69 27.51 12.98
CA GLY A 157 22.43 26.43 12.34
C GLY A 157 21.77 25.06 12.47
N ASN A 158 21.92 24.23 11.43
CA ASN A 158 21.34 22.87 11.45
C ASN A 158 22.21 21.82 12.11
N ASP A 159 21.94 21.55 13.39
CA ASP A 159 22.61 20.48 14.12
C ASP A 159 22.17 19.09 13.61
N GLY A 160 22.22 18.90 12.29
CA GLY A 160 21.88 17.62 11.68
C GLY A 160 20.92 17.70 10.49
N LEU A 161 19.86 18.50 10.64
CA LEU A 161 18.77 18.59 9.67
C LEU A 161 19.20 18.89 8.25
N CYS A 162 18.28 18.72 7.30
CA CYS A 162 18.57 18.96 5.89
C CYS A 162 18.71 20.45 5.63
N GLN A 163 18.16 21.25 6.54
CA GLN A 163 18.14 22.70 6.41
C GLN A 163 18.00 23.32 7.79
N LYS A 164 18.47 24.57 7.93
CA LYS A 164 18.30 25.32 9.18
C LYS A 164 16.95 26.00 9.15
N LEU A 165 16.29 26.06 10.31
CA LEU A 165 14.95 26.62 10.39
C LEU A 165 14.87 28.12 10.05
N SER A 166 14.25 28.41 8.90
CA SER A 166 13.89 29.77 8.49
C SER A 166 12.76 30.33 9.36
N VAL A 167 11.66 30.63 8.70
CA VAL A 167 10.48 31.19 9.35
C VAL A 167 9.35 30.16 9.31
N PRO A 168 8.42 30.26 10.27
CA PRO A 168 7.31 29.30 10.32
C PRO A 168 6.45 29.30 9.06
N CYS A 169 5.68 28.22 8.89
CA CYS A 169 4.88 28.02 7.69
C CYS A 169 3.83 29.10 7.55
N MET A 170 3.59 29.55 6.33
CA MET A 170 2.47 30.44 6.05
C MET A 170 1.17 29.75 6.48
N SER A 171 0.42 30.43 7.35
CA SER A 171 -0.85 29.92 7.89
C SER A 171 -2.03 30.43 7.07
N SER A 172 -2.99 29.54 6.80
CA SER A 172 -4.27 29.95 6.22
C SER A 172 -5.12 30.58 7.33
N LYS A 173 -6.09 31.41 6.96
CA LYS A 173 -7.09 31.83 7.97
C LYS A 173 -8.31 30.94 7.83
N PRO A 174 -8.80 30.41 8.95
CA PRO A 174 -9.91 29.45 8.91
C PRO A 174 -11.15 30.08 8.31
N GLN A 175 -12.04 29.24 7.81
CA GLN A 175 -13.28 29.73 7.24
C GLN A 175 -14.15 30.23 8.39
N LYS A 176 -14.91 31.30 8.16
CA LYS A 176 -15.90 31.78 9.13
C LYS A 176 -16.86 30.61 9.40
N PRO A 177 -17.17 30.33 10.67
CA PRO A 177 -18.24 29.33 10.83
C PRO A 177 -19.57 29.94 10.40
N TRP A 178 -20.44 29.09 9.85
CA TRP A 178 -21.77 29.49 9.44
C TRP A 178 -22.56 29.94 10.66
N GLU A 179 -23.40 30.96 10.48
CA GLU A 179 -24.34 31.44 11.49
C GLU A 179 -24.92 30.30 12.32
N LYS A 180 -25.06 30.53 13.62
CA LYS A 180 -25.60 29.51 14.54
C LYS A 180 -27.07 29.19 14.21
N ASP A 181 -27.47 27.93 14.37
CA ASP A 181 -28.85 27.50 14.09
C ASP A 181 -29.40 27.93 12.73
N ALA A 182 -28.55 28.02 11.70
CA ALA A 182 -29.01 28.50 10.40
C ALA A 182 -28.90 27.49 9.29
N TRP A 183 -29.19 26.21 9.60
CA TRP A 183 -29.16 25.15 8.62
C TRP A 183 -30.25 25.39 7.58
N GLU A 184 -31.44 25.73 8.06
CA GLU A 184 -32.55 26.12 7.19
C GLU A 184 -32.59 27.64 7.19
N ILE A 185 -32.59 28.21 5.99
CA ILE A 185 -32.64 29.64 5.87
C ILE A 185 -33.79 29.98 4.94
N PRO A 186 -34.39 31.18 5.14
CA PRO A 186 -35.43 31.74 4.27
C PRO A 186 -34.79 32.16 2.96
N ARG A 187 -35.47 31.96 1.84
CA ARG A 187 -34.90 32.31 0.54
C ARG A 187 -34.44 33.76 0.46
N GLU A 188 -35.09 34.62 1.26
CA GLU A 188 -34.87 36.08 1.25
C GLU A 188 -33.46 36.49 1.66
N SER A 189 -32.80 35.64 2.45
CA SER A 189 -31.44 35.92 2.92
C SER A 189 -30.43 35.89 1.79
N LEU A 190 -30.85 35.43 0.63
CA LEU A 190 -29.91 35.20 -0.46
C LEU A 190 -30.10 36.16 -1.60
N LYS A 191 -28.98 36.52 -2.23
CA LYS A 191 -29.00 37.13 -3.57
C LYS A 191 -28.17 36.26 -4.50
N LEU A 192 -28.82 35.66 -5.49
CA LEU A 192 -28.09 34.85 -6.47
C LEU A 192 -27.61 35.78 -7.57
N GLU A 193 -26.29 36.04 -7.60
CA GLU A 193 -25.75 37.14 -8.38
C GLU A 193 -25.13 36.74 -9.71
N LYS A 194 -24.51 35.56 -9.77
CA LYS A 194 -24.02 35.04 -11.06
C LYS A 194 -24.22 33.54 -11.28
N LYS A 195 -24.90 33.24 -12.39
CA LYS A 195 -25.10 31.86 -12.79
C LYS A 195 -23.75 31.29 -13.22
N LEU A 196 -23.32 30.23 -12.55
CA LEU A 196 -22.03 29.64 -12.85
C LEU A 196 -22.15 28.40 -13.74
N GLY A 197 -23.28 27.72 -13.65
CA GLY A 197 -23.51 26.51 -14.40
C GLY A 197 -24.99 26.21 -14.49
N ALA A 198 -25.39 25.59 -15.58
CA ALA A 198 -26.79 25.20 -15.76
C ALA A 198 -26.85 23.80 -16.38
N GLY A 199 -27.93 23.09 -16.11
CA GLY A 199 -28.07 21.74 -16.61
C GLY A 199 -29.46 21.15 -16.51
N GLN A 200 -29.52 19.84 -16.72
CA GLN A 200 -30.77 19.10 -16.68
C GLN A 200 -31.55 19.30 -15.38
N PHE A 201 -30.83 19.41 -14.26
CA PHE A 201 -31.44 19.31 -12.94
C PHE A 201 -31.63 20.59 -12.16
N GLY A 202 -30.91 21.63 -12.57
CA GLY A 202 -31.01 22.90 -11.92
C GLY A 202 -29.81 23.75 -12.29
N GLU A 203 -29.52 24.76 -11.48
CA GLU A 203 -28.40 25.64 -11.78
C GLU A 203 -27.46 25.74 -10.58
N VAL A 204 -26.32 26.38 -10.81
CA VAL A 204 -25.42 26.74 -9.72
C VAL A 204 -25.13 28.24 -9.85
N TRP A 205 -25.17 28.94 -8.72
CA TRP A 205 -24.97 30.38 -8.75
C TRP A 205 -23.98 30.78 -7.68
N MET A 206 -23.17 31.76 -8.03
CA MET A 206 -22.44 32.50 -7.02
C MET A 206 -23.47 33.40 -6.33
N ALA A 207 -23.50 33.38 -5.00
CA ALA A 207 -24.49 34.15 -4.25
C ALA A 207 -23.90 34.87 -3.03
N THR A 208 -24.71 35.73 -2.41
CA THR A 208 -24.36 36.34 -1.12
C THR A 208 -25.44 36.03 -0.07
N TYR A 209 -25.01 35.62 1.12
CA TYR A 209 -25.93 35.37 2.21
C TYR A 209 -25.95 36.54 3.20
N ASN A 210 -27.16 37.06 3.40
CA ASN A 210 -27.43 38.17 4.32
C ASN A 210 -26.45 39.33 4.21
N LYS A 211 -26.08 39.66 2.98
CA LYS A 211 -25.17 40.77 2.67
C LYS A 211 -23.74 40.66 3.20
N HIS A 212 -23.43 39.58 3.93
CA HIS A 212 -22.09 39.46 4.51
C HIS A 212 -21.20 38.31 3.98
N THR A 213 -21.80 37.22 3.50
CA THR A 213 -21.03 36.03 3.18
C THR A 213 -21.19 35.49 1.73
N LYS A 214 -20.07 35.34 1.04
CA LYS A 214 -20.08 34.73 -0.29
C LYS A 214 -20.25 33.21 -0.19
N VAL A 215 -21.22 32.68 -0.95
CA VAL A 215 -21.55 31.26 -0.97
C VAL A 215 -21.90 30.82 -2.41
N ALA A 216 -21.99 29.52 -2.64
CA ALA A 216 -22.55 29.01 -3.89
C ALA A 216 -23.89 28.41 -3.58
N VAL A 217 -24.77 28.38 -4.57
CA VAL A 217 -26.10 27.82 -4.37
C VAL A 217 -26.41 26.89 -5.52
N LYS A 218 -26.79 25.65 -5.22
CA LYS A 218 -27.34 24.80 -6.25
C LYS A 218 -28.86 24.81 -6.15
N THR A 219 -29.47 25.33 -7.19
CA THR A 219 -30.92 25.42 -7.29
C THR A 219 -31.45 24.14 -7.93
N MET A 220 -32.35 23.43 -7.24
CA MET A 220 -32.83 22.13 -7.74
C MET A 220 -34.19 22.25 -8.38
N LYS A 221 -34.32 21.68 -9.58
CA LYS A 221 -35.60 21.67 -10.27
C LYS A 221 -36.51 20.64 -9.61
N PRO A 222 -37.78 21.04 -9.36
CA PRO A 222 -38.83 20.16 -8.82
C PRO A 222 -38.90 18.83 -9.59
N GLY A 223 -38.68 17.68 -8.94
CA GLY A 223 -38.52 16.42 -9.65
C GLY A 223 -39.20 15.16 -9.12
N SER A 224 -38.41 14.12 -8.89
CA SER A 224 -38.92 12.78 -8.54
C SER A 224 -40.03 12.66 -7.45
N MET A 225 -39.84 13.16 -6.23
CA MET A 225 -38.64 13.80 -5.69
C MET A 225 -38.78 13.63 -4.19
N SER A 226 -39.94 14.09 -3.72
CA SER A 226 -40.22 14.37 -2.30
C SER A 226 -39.17 15.28 -1.67
N VAL A 227 -39.62 16.44 -1.20
CA VAL A 227 -38.73 17.35 -0.51
C VAL A 227 -38.31 16.75 0.83
N GLU A 228 -39.25 16.05 1.47
CA GLU A 228 -39.04 15.39 2.75
C GLU A 228 -38.05 14.23 2.62
N ALA A 229 -37.95 13.68 1.41
CA ALA A 229 -37.04 12.58 1.16
C ALA A 229 -35.66 13.13 0.84
N PHE A 230 -35.63 14.22 0.10
CA PHE A 230 -34.38 14.91 -0.14
C PHE A 230 -33.82 15.45 1.18
N LEU A 231 -34.64 16.20 1.93
CA LEU A 231 -34.16 16.86 3.15
C LEU A 231 -33.57 15.86 4.13
N ALA A 232 -34.07 14.63 4.09
CA ALA A 232 -33.52 13.56 4.90
C ALA A 232 -32.12 13.20 4.43
N GLU A 233 -31.90 13.22 3.11
CA GLU A 233 -30.57 12.95 2.57
C GLU A 233 -29.59 14.09 2.85
N ALA A 234 -30.07 15.32 2.74
CA ALA A 234 -29.22 16.50 2.96
C ALA A 234 -28.74 16.57 4.40
N ASN A 235 -29.53 16.03 5.32
CA ASN A 235 -29.12 15.99 6.71
C ASN A 235 -27.93 15.06 6.83
N VAL A 236 -27.93 14.01 6.03
CA VAL A 236 -26.82 13.08 6.02
C VAL A 236 -25.60 13.77 5.40
N MET A 237 -25.80 14.36 4.22
CA MET A 237 -24.77 15.10 3.53
C MET A 237 -24.09 16.07 4.49
N LYS A 238 -24.89 16.83 5.25
CA LYS A 238 -24.39 17.77 6.25
C LYS A 238 -23.42 17.15 7.26
N THR A 239 -23.64 15.90 7.64
CA THR A 239 -22.76 15.28 8.62
C THR A 239 -21.47 14.76 8.00
N LEU A 240 -21.31 14.91 6.68
CA LEU A 240 -20.07 14.44 6.05
C LEU A 240 -19.05 15.57 5.90
N GLN A 241 -18.32 15.82 7.00
CA GLN A 241 -17.45 16.98 7.09
C GLN A 241 -15.99 16.54 7.05
N HIS A 242 -15.28 17.02 6.03
CA HIS A 242 -13.90 16.62 5.81
C HIS A 242 -13.25 17.67 4.89
N ASP A 243 -11.97 17.94 5.10
CA ASP A 243 -11.26 18.98 4.32
C ASP A 243 -11.41 18.76 2.81
N LYS A 244 -11.66 17.53 2.41
CA LYS A 244 -11.74 17.21 0.98
C LYS A 244 -13.17 17.01 0.47
N LEU A 245 -14.18 17.43 1.23
CA LEU A 245 -15.54 17.48 0.68
C LEU A 245 -16.00 18.92 0.70
N VAL A 246 -16.77 19.33 -0.30
CA VAL A 246 -17.27 20.69 -0.26
C VAL A 246 -18.19 20.75 0.97
N LYS A 247 -18.13 21.87 1.69
CA LYS A 247 -18.90 22.00 2.91
C LYS A 247 -20.33 22.55 2.65
N LEU A 248 -21.35 21.82 3.11
CA LEU A 248 -22.73 22.34 3.09
C LEU A 248 -22.97 23.29 4.26
N HIS A 249 -23.47 24.49 3.94
CA HIS A 249 -23.79 25.51 4.96
C HIS A 249 -25.27 25.48 5.34
N ALA A 250 -26.13 25.49 4.33
CA ALA A 250 -27.53 25.84 4.51
C ALA A 250 -28.43 25.24 3.45
N VAL A 251 -29.73 25.23 3.72
CA VAL A 251 -30.71 24.76 2.71
C VAL A 251 -31.99 25.59 2.76
N VAL A 252 -32.56 25.89 1.59
CA VAL A 252 -33.91 26.46 1.58
C VAL A 252 -34.91 25.34 1.30
N THR A 253 -35.76 25.06 2.28
CA THR A 253 -36.61 23.86 2.27
C THR A 253 -37.82 23.92 1.34
N LYS A 254 -38.20 25.10 0.89
CA LYS A 254 -39.36 25.21 0.01
C LYS A 254 -38.98 25.06 -1.47
N GLU A 255 -39.75 24.29 -2.23
CA GLU A 255 -39.51 24.16 -3.68
C GLU A 255 -39.55 25.52 -4.40
N PRO A 256 -38.60 25.75 -5.31
CA PRO A 256 -37.50 24.82 -5.63
C PRO A 256 -36.40 24.88 -4.56
N ILE A 257 -35.98 23.70 -4.11
CA ILE A 257 -34.91 23.59 -3.10
C ILE A 257 -33.60 24.21 -3.56
N TYR A 258 -32.98 24.97 -2.65
CA TYR A 258 -31.66 25.51 -2.86
C TYR A 258 -30.70 24.85 -1.88
N ILE A 259 -29.51 24.47 -2.35
CA ILE A 259 -28.46 23.98 -1.46
C ILE A 259 -27.33 24.99 -1.37
N ILE A 260 -26.96 25.41 -0.16
CA ILE A 260 -25.96 26.46 -0.04
C ILE A 260 -24.64 25.91 0.52
N THR A 261 -23.55 26.18 -0.18
CA THR A 261 -22.22 25.66 0.13
C THR A 261 -21.14 26.72 0.07
N GLU A 262 -19.95 26.38 0.53
CA GLU A 262 -18.82 27.27 0.39
C GLU A 262 -18.58 27.49 -1.10
N PHE A 263 -18.16 28.70 -1.43
CA PHE A 263 -17.79 29.03 -2.81
C PHE A 263 -16.38 28.49 -3.11
N MET A 264 -16.17 27.97 -4.30
CA MET A 264 -14.86 27.47 -4.68
C MET A 264 -14.30 28.28 -5.84
N ALA A 265 -13.32 29.12 -5.53
CA ALA A 265 -12.85 30.16 -6.46
C ALA A 265 -12.53 29.67 -7.87
N LYS A 266 -11.98 28.46 -7.99
CA LYS A 266 -11.57 27.96 -9.30
C LYS A 266 -12.54 26.99 -9.96
N GLY A 267 -13.77 26.93 -9.45
CA GLY A 267 -14.79 26.17 -10.16
C GLY A 267 -14.51 24.67 -10.21
N SER A 268 -14.80 24.03 -11.34
CA SER A 268 -14.66 22.58 -11.40
C SER A 268 -13.27 22.21 -11.83
N LEU A 269 -12.83 21.06 -11.32
CA LEU A 269 -11.55 20.48 -11.72
C LEU A 269 -11.49 20.33 -13.23
N LEU A 270 -12.57 19.86 -13.83
CA LEU A 270 -12.64 19.70 -15.28
C LEU A 270 -12.31 21.01 -15.98
N ASP A 271 -13.02 22.07 -15.61
CA ASP A 271 -12.82 23.38 -16.21
C ASP A 271 -11.43 23.96 -15.90
N PHE A 272 -10.95 23.70 -14.69
CA PHE A 272 -9.62 24.15 -14.31
C PHE A 272 -8.47 23.45 -15.07
N LEU A 273 -8.63 22.16 -15.36
CA LEU A 273 -7.58 21.45 -16.09
C LEU A 273 -7.48 21.93 -17.53
N LYS A 274 -8.63 22.29 -18.12
CA LYS A 274 -8.66 22.77 -19.50
C LYS A 274 -8.29 24.26 -19.59
N SER A 275 -8.06 24.90 -18.44
CA SER A 275 -7.68 26.30 -18.43
C SER A 275 -6.16 26.45 -18.66
N ASP A 276 -5.72 27.69 -18.81
CA ASP A 276 -4.29 27.94 -18.97
C ASP A 276 -3.53 27.62 -17.69
N GLU A 277 -4.07 28.06 -16.55
CA GLU A 277 -3.39 27.84 -15.27
C GLU A 277 -3.25 26.35 -15.01
N GLY A 278 -4.21 25.57 -15.51
CA GLY A 278 -4.23 24.13 -15.30
C GLY A 278 -3.27 23.40 -16.21
N SER A 279 -3.19 23.88 -17.45
CA SER A 279 -2.22 23.38 -18.42
C SER A 279 -0.78 23.50 -17.92
N LYS A 280 -0.50 24.45 -17.03
CA LYS A 280 0.85 24.61 -16.50
C LYS A 280 1.14 23.64 -15.35
N GLN A 281 0.12 22.92 -14.88
CA GLN A 281 0.28 22.05 -13.72
C GLN A 281 1.09 20.81 -14.11
N PRO A 282 2.26 20.64 -13.50
CA PRO A 282 3.07 19.46 -13.79
C PRO A 282 2.46 18.19 -13.15
N LEU A 283 2.87 17.04 -13.68
CA LEU A 283 2.42 15.72 -13.23
C LEU A 283 2.31 15.47 -11.72
N PRO A 284 3.36 15.84 -10.94
CA PRO A 284 3.30 15.63 -9.47
C PRO A 284 2.19 16.39 -8.78
N LYS A 285 1.77 17.54 -9.34
CA LYS A 285 0.63 18.29 -8.82
C LYS A 285 -0.69 17.62 -9.20
N LEU A 286 -0.78 17.22 -10.48
CA LEU A 286 -1.90 16.42 -10.96
C LEU A 286 -2.10 15.19 -10.06
N ILE A 287 -1.02 14.48 -9.77
CA ILE A 287 -1.10 13.37 -8.84
C ILE A 287 -1.56 13.83 -7.45
N ASP A 288 -0.95 14.88 -6.92
CA ASP A 288 -1.41 15.46 -5.65
C ASP A 288 -2.93 15.66 -5.65
N PHE A 289 -3.47 16.18 -6.76
CA PHE A 289 -4.89 16.41 -6.87
C PHE A 289 -5.64 15.10 -6.67
N SER A 290 -5.26 14.07 -7.43
CA SER A 290 -5.94 12.80 -7.36
C SER A 290 -5.78 12.16 -5.98
N ALA A 291 -4.69 12.48 -5.28
CA ALA A 291 -4.49 11.96 -3.93
C ALA A 291 -5.44 12.67 -2.97
N GLN A 292 -5.68 13.95 -3.23
CA GLN A 292 -6.59 14.71 -2.40
C GLN A 292 -7.99 14.14 -2.51
N ILE A 293 -8.34 13.78 -3.74
CA ILE A 293 -9.64 13.21 -4.05
C ILE A 293 -9.82 11.83 -3.42
N ALA A 294 -8.80 10.97 -3.52
CA ALA A 294 -8.84 9.63 -2.92
C ALA A 294 -8.93 9.72 -1.40
N GLU A 295 -8.34 10.77 -0.85
CA GLU A 295 -8.49 11.06 0.59
C GLU A 295 -9.96 11.31 0.94
N GLY A 296 -10.59 12.23 0.21
CA GLY A 296 -12.01 12.47 0.33
C GLY A 296 -12.85 11.21 0.13
N MET A 297 -12.45 10.39 -0.84
CA MET A 297 -13.15 9.14 -1.09
C MET A 297 -12.88 8.08 -0.02
N ALA A 298 -11.72 8.10 0.64
CA ALA A 298 -11.45 7.13 1.72
C ALA A 298 -12.30 7.48 2.94
N PHE A 299 -12.59 8.75 3.10
CA PHE A 299 -13.46 9.23 4.12
C PHE A 299 -14.88 8.67 3.92
N ILE A 300 -15.41 8.94 2.73
CA ILE A 300 -16.72 8.46 2.31
C ILE A 300 -16.84 6.94 2.49
N GLU A 301 -15.78 6.23 2.10
CA GLU A 301 -15.70 4.77 2.27
C GLU A 301 -15.75 4.39 3.76
N GLN A 302 -14.97 5.11 4.56
CA GLN A 302 -14.95 4.93 6.01
C GLN A 302 -16.34 5.14 6.64
N ARG A 303 -17.11 6.09 6.10
CA ARG A 303 -18.44 6.36 6.62
C ARG A 303 -19.52 5.44 6.01
N ASN A 304 -19.08 4.43 5.26
CA ASN A 304 -19.98 3.53 4.54
C ASN A 304 -21.01 4.25 3.68
N TYR A 305 -20.61 5.35 3.07
CA TYR A 305 -21.47 6.10 2.19
C TYR A 305 -21.10 5.75 0.74
N ILE A 306 -21.80 6.32 -0.24
CA ILE A 306 -21.46 6.10 -1.65
C ILE A 306 -21.64 7.41 -2.43
N HIS A 307 -20.73 7.69 -3.36
CA HIS A 307 -20.81 8.92 -4.13
C HIS A 307 -21.75 8.81 -5.34
N ARG A 308 -21.54 7.76 -6.14
CA ARG A 308 -22.40 7.40 -7.30
C ARG A 308 -22.21 8.28 -8.54
N ASP A 309 -21.48 9.39 -8.41
CA ASP A 309 -21.21 10.24 -9.59
C ASP A 309 -19.82 10.87 -9.56
N LEU A 310 -18.82 10.04 -9.31
CA LEU A 310 -17.45 10.54 -9.24
C LEU A 310 -16.88 10.81 -10.64
N ARG A 311 -16.51 12.07 -10.87
CA ARG A 311 -15.86 12.47 -12.08
C ARG A 311 -15.34 13.90 -11.90
N ALA A 312 -14.56 14.37 -12.85
CA ALA A 312 -13.87 15.63 -12.67
C ALA A 312 -14.84 16.81 -12.55
N ALA A 313 -16.01 16.67 -13.17
CA ALA A 313 -17.01 17.73 -13.12
C ALA A 313 -17.52 17.89 -11.71
N ASN A 314 -17.47 16.81 -10.91
CA ASN A 314 -17.93 16.92 -9.51
C ASN A 314 -16.83 17.08 -8.44
N ILE A 315 -15.68 17.57 -8.90
CA ILE A 315 -14.61 18.00 -8.00
C ILE A 315 -14.53 19.52 -8.12
N LEU A 316 -14.42 20.20 -7.00
CA LEU A 316 -14.24 21.62 -7.07
C LEU A 316 -12.81 21.94 -6.67
N VAL A 317 -12.35 23.13 -7.05
CA VAL A 317 -11.02 23.58 -6.69
C VAL A 317 -11.04 24.93 -5.97
N SER A 318 -10.42 24.98 -4.79
CA SER A 318 -10.30 26.21 -4.01
C SER A 318 -9.24 27.13 -4.62
N ALA A 319 -9.25 28.40 -4.21
CA ALA A 319 -8.26 29.38 -4.68
C ALA A 319 -6.85 28.88 -4.48
N SER A 320 -6.59 28.22 -3.34
CA SER A 320 -5.26 27.69 -3.04
C SER A 320 -5.07 26.24 -3.50
N LEU A 321 -5.77 25.88 -4.57
CA LEU A 321 -5.64 24.56 -5.23
C LEU A 321 -5.94 23.34 -4.34
N VAL A 322 -6.78 23.52 -3.33
CA VAL A 322 -7.32 22.37 -2.61
C VAL A 322 -8.50 21.78 -3.39
N CYS A 323 -8.45 20.48 -3.65
CA CYS A 323 -9.54 19.77 -4.38
C CYS A 323 -10.64 19.34 -3.44
N LYS A 324 -11.89 19.63 -3.78
CA LYS A 324 -13.04 19.23 -2.94
C LYS A 324 -14.16 18.48 -3.69
N ILE A 325 -14.61 17.37 -3.10
CA ILE A 325 -15.68 16.55 -3.65
C ILE A 325 -17.05 17.22 -3.49
N ALA A 326 -17.79 17.33 -4.58
CA ALA A 326 -19.13 17.90 -4.53
C ALA A 326 -20.16 16.87 -5.00
N ASP A 327 -21.45 17.16 -4.77
CA ASP A 327 -22.53 16.32 -5.28
C ASP A 327 -22.47 14.91 -4.72
N PHE A 328 -22.01 14.75 -3.48
CA PHE A 328 -21.94 13.38 -2.95
C PHE A 328 -23.29 12.89 -2.47
N GLY A 329 -23.69 11.73 -3.01
CA GLY A 329 -24.96 11.10 -2.65
C GLY A 329 -26.16 11.80 -3.29
N LEU A 330 -25.88 12.81 -4.09
CA LEU A 330 -26.94 13.52 -4.80
C LEU A 330 -27.67 12.63 -5.81
N ALA A 331 -26.93 11.75 -6.47
CA ALA A 331 -27.55 10.97 -7.55
C ALA A 331 -28.60 9.98 -7.06
N ARG A 332 -28.49 9.57 -5.80
CA ARG A 332 -29.51 8.69 -5.21
C ARG A 332 -30.86 9.40 -5.17
N VAL A 333 -30.82 10.73 -5.10
CA VAL A 333 -32.04 11.53 -4.88
C VAL A 333 -32.68 11.99 -6.19
N ILE A 334 -31.91 11.97 -7.27
CA ILE A 334 -32.41 12.38 -8.58
C ILE A 334 -33.40 11.35 -9.14
N PHE A 347 -26.39 10.75 -17.78
CA PHE A 347 -25.87 9.66 -18.59
C PHE A 347 -24.34 9.53 -18.62
N PRO A 348 -23.67 9.63 -17.46
CA PRO A 348 -22.21 9.55 -17.53
C PRO A 348 -21.79 8.07 -17.46
N ILE A 349 -22.19 7.26 -18.45
CA ILE A 349 -21.84 5.86 -18.40
C ILE A 349 -20.34 5.62 -18.57
N LYS A 350 -19.63 6.62 -19.10
CA LYS A 350 -18.20 6.46 -19.36
C LYS A 350 -17.37 6.50 -18.10
N TRP A 351 -18.01 6.86 -16.99
CA TRP A 351 -17.35 6.85 -15.69
C TRP A 351 -17.94 5.72 -14.85
N THR A 352 -18.93 5.05 -15.42
CA THR A 352 -19.74 4.10 -14.66
C THR A 352 -19.26 2.63 -14.77
N ALA A 353 -19.07 2.01 -13.62
CA ALA A 353 -18.73 0.60 -13.55
C ALA A 353 -19.81 -0.25 -14.25
N PRO A 354 -19.37 -1.33 -14.94
CA PRO A 354 -20.21 -2.25 -15.71
C PRO A 354 -21.38 -2.87 -14.91
N GLU A 355 -21.18 -3.16 -13.63
CA GLU A 355 -22.25 -3.71 -12.81
C GLU A 355 -23.24 -2.64 -12.41
N ALA A 356 -22.84 -1.38 -12.53
CA ALA A 356 -23.75 -0.30 -12.22
C ALA A 356 -24.60 -0.03 -13.46
N ILE A 357 -24.03 -0.31 -14.62
CA ILE A 357 -24.74 -0.10 -15.86
C ILE A 357 -25.75 -1.23 -16.09
N ASN A 358 -25.28 -2.46 -15.88
CA ASN A 358 -26.03 -3.66 -16.22
C ASN A 358 -27.06 -4.09 -15.18
N PHE A 359 -26.95 -3.58 -13.95
CA PHE A 359 -27.78 -4.03 -12.86
C PHE A 359 -28.10 -2.94 -11.87
N GLY A 360 -27.60 -1.73 -12.13
CA GLY A 360 -27.80 -0.62 -11.21
C GLY A 360 -27.22 -0.85 -9.82
N SER A 361 -26.17 -1.67 -9.71
CA SER A 361 -25.54 -1.91 -8.40
C SER A 361 -24.35 -0.99 -8.08
N PHE A 362 -24.66 0.14 -7.48
CA PHE A 362 -23.70 1.14 -7.07
C PHE A 362 -23.15 0.82 -5.68
N THR A 363 -21.82 0.73 -5.58
CA THR A 363 -21.16 0.55 -4.31
C THR A 363 -19.94 1.48 -4.26
N ILE A 364 -19.30 1.54 -3.09
CA ILE A 364 -18.01 2.16 -2.98
C ILE A 364 -17.06 1.61 -4.06
N LYS A 365 -17.27 0.35 -4.45
CA LYS A 365 -16.41 -0.26 -5.48
C LYS A 365 -16.66 0.29 -6.88
N SER A 366 -17.92 0.54 -7.23
CA SER A 366 -18.22 1.20 -8.49
C SER A 366 -17.73 2.66 -8.49
N ASP A 367 -17.60 3.25 -7.31
CA ASP A 367 -16.91 4.52 -7.16
C ASP A 367 -15.42 4.41 -7.49
N VAL A 368 -14.77 3.39 -6.94
CA VAL A 368 -13.39 3.08 -7.29
C VAL A 368 -13.19 3.02 -8.79
N TRP A 369 -14.10 2.33 -9.49
CA TRP A 369 -14.03 2.29 -10.94
C TRP A 369 -14.08 3.71 -11.46
N SER A 370 -15.04 4.50 -10.95
CA SER A 370 -15.16 5.89 -11.38
C SER A 370 -13.85 6.64 -11.13
N PHE A 371 -13.23 6.40 -9.98
CA PHE A 371 -12.02 7.11 -9.63
C PHE A 371 -10.94 6.86 -10.68
N GLY A 372 -10.84 5.62 -11.14
CA GLY A 372 -9.96 5.28 -12.25
C GLY A 372 -10.14 6.16 -13.50
N ILE A 373 -11.39 6.37 -13.90
CA ILE A 373 -11.65 7.18 -15.08
C ILE A 373 -11.27 8.64 -14.81
N LEU A 374 -11.55 9.05 -13.59
CA LEU A 374 -11.25 10.41 -13.17
C LEU A 374 -9.74 10.62 -13.16
N LEU A 375 -9.01 9.59 -12.74
CA LEU A 375 -7.56 9.60 -12.71
C LEU A 375 -7.04 9.82 -14.13
N MET A 376 -7.70 9.20 -15.10
CA MET A 376 -7.31 9.29 -16.50
C MET A 376 -7.71 10.66 -17.02
N GLU A 377 -8.85 11.14 -16.53
CA GLU A 377 -9.32 12.50 -16.83
C GLU A 377 -8.30 13.54 -16.36
N ILE A 378 -7.87 13.42 -15.10
CA ILE A 378 -6.88 14.32 -14.54
C ILE A 378 -5.58 14.33 -15.35
N VAL A 379 -5.04 13.15 -15.65
CA VAL A 379 -3.74 13.06 -16.32
C VAL A 379 -3.79 13.58 -17.77
N THR A 380 -4.96 13.54 -18.39
CA THR A 380 -5.12 14.08 -19.74
C THR A 380 -5.79 15.45 -19.75
N TYR A 381 -5.60 16.19 -18.68
CA TYR A 381 -5.99 17.58 -18.59
C TYR A 381 -7.44 17.81 -18.99
N GLY A 382 -8.31 16.89 -18.56
CA GLY A 382 -9.74 17.07 -18.75
C GLY A 382 -10.29 16.51 -20.03
N ARG A 383 -9.48 15.78 -20.78
CA ARG A 383 -9.94 15.18 -22.03
C ARG A 383 -11.10 14.25 -21.73
N ILE A 384 -12.01 14.09 -22.67
CA ILE A 384 -13.13 13.18 -22.49
C ILE A 384 -12.65 11.73 -22.48
N PRO A 385 -13.24 10.90 -21.61
CA PRO A 385 -12.85 9.49 -21.56
C PRO A 385 -13.28 8.78 -22.85
N TYR A 386 -12.60 7.70 -23.20
CA TYR A 386 -12.86 6.96 -24.44
C TYR A 386 -13.09 7.88 -25.65
N PRO A 387 -12.09 8.72 -25.99
CA PRO A 387 -12.30 9.76 -27.02
C PRO A 387 -12.71 9.17 -28.37
N GLY A 388 -13.80 9.70 -28.93
CA GLY A 388 -14.31 9.26 -30.21
C GLY A 388 -15.15 8.00 -30.13
N MET A 389 -15.55 7.63 -28.92
CA MET A 389 -16.38 6.44 -28.75
C MET A 389 -17.76 6.79 -28.21
N SER A 390 -18.79 6.17 -28.78
CA SER A 390 -20.14 6.43 -28.35
C SER A 390 -20.36 5.64 -27.07
N ASN A 391 -21.31 6.06 -26.25
CA ASN A 391 -21.67 5.29 -25.06
C ASN A 391 -21.87 3.78 -25.35
N PRO A 392 -22.67 3.43 -26.37
CA PRO A 392 -22.81 2.00 -26.66
C PRO A 392 -21.48 1.36 -27.07
N GLU A 393 -20.71 2.05 -27.92
CA GLU A 393 -19.39 1.58 -28.34
C GLU A 393 -18.53 1.27 -27.11
N VAL A 394 -18.66 2.08 -26.07
CA VAL A 394 -17.87 1.90 -24.86
C VAL A 394 -18.31 0.64 -24.14
N ILE A 395 -19.60 0.52 -23.89
CA ILE A 395 -20.19 -0.65 -23.22
C ILE A 395 -19.79 -1.99 -23.85
N ARG A 396 -19.87 -2.08 -25.17
CA ARG A 396 -19.48 -3.31 -25.84
C ARG A 396 -17.99 -3.55 -25.69
N ALA A 397 -17.21 -2.47 -25.82
CA ALA A 397 -15.77 -2.51 -25.66
C ALA A 397 -15.34 -3.09 -24.31
N LEU A 398 -15.98 -2.66 -23.23
CA LEU A 398 -15.64 -3.16 -21.90
C LEU A 398 -15.99 -4.63 -21.76
N GLU A 399 -16.97 -5.06 -22.55
CA GLU A 399 -17.43 -6.44 -22.51
C GLU A 399 -16.37 -7.36 -23.07
N ARG A 400 -15.65 -6.88 -24.09
CA ARG A 400 -14.51 -7.60 -24.66
C ARG A 400 -13.27 -7.51 -23.79
N GLY A 401 -13.30 -6.61 -22.80
CA GLY A 401 -12.17 -6.44 -21.91
C GLY A 401 -11.21 -5.31 -22.30
N TYR A 402 -11.58 -4.53 -23.31
CA TYR A 402 -10.88 -3.31 -23.66
C TYR A 402 -10.83 -2.35 -22.47
N ARG A 403 -9.74 -1.57 -22.40
CA ARG A 403 -9.57 -0.48 -21.44
C ARG A 403 -8.81 0.63 -22.13
N MET A 404 -8.94 1.86 -21.64
CA MET A 404 -8.16 2.95 -22.20
C MET A 404 -6.66 2.68 -22.06
N PRO A 405 -5.91 2.96 -23.12
CA PRO A 405 -4.45 2.82 -23.10
C PRO A 405 -3.77 3.94 -22.32
N ARG A 406 -2.59 3.65 -21.79
CA ARG A 406 -1.77 4.63 -21.09
C ARG A 406 -1.41 5.82 -21.99
N PRO A 407 -1.73 7.03 -21.56
CA PRO A 407 -1.35 8.20 -22.35
C PRO A 407 0.12 8.49 -22.17
N GLU A 408 0.59 9.51 -22.90
CA GLU A 408 2.02 9.80 -22.98
C GLU A 408 2.58 10.10 -21.60
N ASN A 409 2.04 11.15 -20.99
CA ASN A 409 2.60 11.72 -19.76
C ASN A 409 2.38 10.86 -18.53
N CYS A 410 1.56 9.82 -18.67
CA CYS A 410 1.13 9.01 -17.55
C CYS A 410 2.16 7.95 -17.23
N PRO A 411 2.67 7.94 -16.00
CA PRO A 411 3.60 6.89 -15.61
C PRO A 411 2.96 5.50 -15.57
N GLU A 412 3.76 4.47 -15.85
CA GLU A 412 3.31 3.10 -15.80
C GLU A 412 2.60 2.71 -14.49
N GLU A 413 3.23 3.02 -13.35
CA GLU A 413 2.63 2.72 -12.06
C GLU A 413 1.32 3.47 -11.78
N LEU A 414 1.21 4.73 -12.20
CA LEU A 414 -0.07 5.41 -12.14
C LEU A 414 -1.11 4.64 -12.98
N TYR A 415 -0.73 4.25 -14.19
CA TYR A 415 -1.62 3.51 -15.08
C TYR A 415 -2.03 2.17 -14.46
N ASN A 416 -1.13 1.57 -13.69
CA ASN A 416 -1.46 0.32 -13.03
C ASN A 416 -2.56 0.47 -11.99
N ILE A 417 -2.55 1.59 -11.27
CA ILE A 417 -3.62 1.92 -10.34
C ILE A 417 -4.97 1.98 -11.10
N MET A 418 -4.95 2.65 -12.25
CA MET A 418 -6.18 2.77 -13.05
C MET A 418 -6.70 1.38 -13.42
N MET A 419 -5.78 0.51 -13.84
CA MET A 419 -6.15 -0.84 -14.26
C MET A 419 -6.72 -1.66 -13.12
N ARG A 420 -6.19 -1.45 -11.92
CA ARG A 420 -6.74 -2.07 -10.72
C ARG A 420 -8.14 -1.54 -10.40
N CYS A 421 -8.37 -0.25 -10.66
CA CYS A 421 -9.67 0.36 -10.43
C CYS A 421 -10.71 -0.23 -11.40
N TRP A 422 -10.22 -0.67 -12.56
CA TRP A 422 -11.07 -1.18 -13.63
C TRP A 422 -11.09 -2.73 -13.73
N LYS A 423 -10.88 -3.41 -12.60
CA LYS A 423 -11.12 -4.85 -12.52
C LYS A 423 -12.59 -5.13 -12.91
N ASN A 424 -12.87 -6.20 -13.66
CA ASN A 424 -14.27 -6.54 -13.94
C ASN A 424 -15.00 -6.88 -12.64
N ARG A 425 -14.38 -7.71 -11.82
CA ARG A 425 -14.91 -8.02 -10.50
C ARG A 425 -14.65 -6.88 -9.51
N PRO A 426 -15.72 -6.27 -8.99
CA PRO A 426 -15.69 -5.18 -8.00
C PRO A 426 -14.79 -5.47 -6.82
N GLU A 427 -14.78 -6.73 -6.38
CA GLU A 427 -14.11 -7.10 -5.14
C GLU A 427 -12.62 -7.23 -5.36
N GLU A 428 -12.19 -7.31 -6.62
CA GLU A 428 -10.76 -7.25 -6.95
C GLU A 428 -10.27 -5.78 -7.11
N ARG A 429 -11.18 -4.81 -7.02
CA ARG A 429 -10.80 -3.41 -7.03
C ARG A 429 -10.37 -2.99 -5.64
N PRO A 430 -9.30 -2.17 -5.56
CA PRO A 430 -8.73 -1.82 -4.26
C PRO A 430 -9.64 -0.88 -3.49
N THR A 431 -9.30 -0.64 -2.24
CA THR A 431 -9.96 0.36 -1.43
C THR A 431 -9.39 1.79 -1.63
N PHE A 432 -10.22 2.80 -1.42
CA PHE A 432 -9.73 4.17 -1.44
C PHE A 432 -8.69 4.42 -0.38
N GLU A 433 -8.89 3.84 0.79
CA GLU A 433 -7.85 3.83 1.85
C GLU A 433 -6.49 3.38 1.28
N TYR A 434 -6.49 2.25 0.57
CA TYR A 434 -5.26 1.81 -0.08
C TYR A 434 -4.83 2.78 -1.19
N ILE A 435 -5.76 3.20 -2.05
CA ILE A 435 -5.41 4.11 -3.12
C ILE A 435 -4.83 5.39 -2.54
N GLN A 436 -5.42 5.89 -1.47
CA GLN A 436 -4.93 7.12 -0.89
C GLN A 436 -3.49 6.95 -0.45
N SER A 437 -3.20 5.84 0.21
CA SER A 437 -1.87 5.64 0.77
C SER A 437 -0.79 5.52 -0.30
N VAL A 438 -1.19 5.00 -1.47
CA VAL A 438 -0.29 4.88 -2.61
C VAL A 438 -0.06 6.24 -3.24
N LEU A 439 -1.15 6.88 -3.68
CA LEU A 439 -1.12 8.21 -4.27
C LEU A 439 -0.41 9.22 -3.39
N ASP A 440 -0.65 9.13 -2.09
CA ASP A 440 -0.09 10.08 -1.15
C ASP A 440 1.44 10.08 -1.18
N ASP A 441 2.01 8.89 -1.33
CA ASP A 441 3.46 8.71 -1.19
C ASP A 441 4.05 8.23 -2.49
N PHE A 442 3.41 8.57 -3.59
CA PHE A 442 3.82 8.09 -4.92
C PHE A 442 5.32 8.31 -5.23
N TYR A 443 5.92 9.38 -4.68
CA TYR A 443 7.34 9.71 -4.94
C TYR A 443 8.25 9.48 -3.75
N THR A 444 7.69 8.96 -2.67
CA THR A 444 8.47 8.68 -1.46
C THR A 444 8.41 7.21 -1.06
N ALA A 445 9.59 6.60 -1.00
CA ALA A 445 9.74 5.26 -0.45
C ALA A 445 9.32 5.30 1.01
N THR A 446 8.57 4.27 1.42
CA THR A 446 8.14 4.14 2.80
C THR A 446 9.25 4.47 3.80
N GLU A 447 10.41 3.84 3.67
CA GLU A 447 11.53 4.07 4.58
C GLU A 447 11.94 5.54 4.57
N SER A 448 11.60 6.26 3.51
CA SER A 448 11.98 7.66 3.40
C SER A 448 10.90 8.68 3.82
N GLN A 449 9.78 8.19 4.36
CA GLN A 449 8.71 9.06 4.83
C GLN A 449 9.23 9.99 5.94
N GLU A 451 12.76 10.93 8.44
CA GLU A 451 14.21 10.92 8.30
C GLU A 451 14.84 10.20 9.47
N GLU A 452 16.11 9.83 9.30
CA GLU A 452 16.91 9.31 10.41
C GLU A 452 17.93 10.38 10.77
N ILE A 453 18.18 10.54 12.06
CA ILE A 453 19.20 11.50 12.49
C ILE A 453 20.16 10.84 13.45
N PRO A 454 21.47 10.95 13.15
CA PRO A 454 22.58 10.36 13.93
C PRO A 454 22.47 10.71 15.40
N ARG B 8 2.45 -34.54 -32.45
CA ARG B 8 3.79 -35.01 -32.08
C ARG B 8 4.64 -33.94 -31.38
N ILE B 9 4.69 -34.00 -30.06
CA ILE B 9 5.38 -32.99 -29.26
C ILE B 9 6.83 -33.34 -28.95
N ILE B 10 7.74 -32.44 -29.32
CA ILE B 10 9.14 -32.56 -28.97
C ILE B 10 9.46 -31.52 -27.88
N VAL B 11 10.15 -31.94 -26.84
CA VAL B 11 10.58 -31.01 -25.81
C VAL B 11 12.09 -31.07 -25.75
N VAL B 12 12.69 -30.24 -24.91
CA VAL B 12 14.14 -30.23 -24.78
C VAL B 12 14.55 -30.02 -23.33
N ALA B 13 15.67 -30.60 -22.94
CA ALA B 13 16.13 -30.53 -21.56
C ALA B 13 16.76 -29.19 -21.30
N LEU B 14 16.41 -28.59 -20.16
CA LEU B 14 16.91 -27.27 -19.79
C LEU B 14 18.07 -27.39 -18.82
N TYR B 15 18.19 -28.56 -18.21
CA TYR B 15 19.26 -28.88 -17.26
C TYR B 15 19.65 -30.35 -17.40
N ASP B 16 20.84 -30.71 -16.93
CA ASP B 16 21.19 -32.12 -16.80
C ASP B 16 20.26 -32.78 -15.78
N TYR B 17 20.14 -34.11 -15.83
CA TYR B 17 19.31 -34.88 -14.88
C TYR B 17 19.71 -36.35 -14.77
N GLU B 18 19.80 -36.85 -13.54
CA GLU B 18 20.10 -38.27 -13.26
C GLU B 18 18.88 -39.02 -12.74
N ALA B 19 18.62 -40.20 -13.30
CA ALA B 19 17.54 -41.04 -12.77
C ALA B 19 17.91 -41.61 -11.40
N ILE B 20 16.92 -41.71 -10.51
CA ILE B 20 17.12 -42.27 -9.18
C ILE B 20 16.00 -43.25 -8.84
N HIS B 21 15.02 -43.35 -9.73
CA HIS B 21 13.92 -44.27 -9.52
C HIS B 21 14.01 -45.47 -10.47
N HIS B 22 12.96 -46.28 -10.45
CA HIS B 22 12.86 -47.42 -11.34
C HIS B 22 12.81 -47.05 -12.82
N GLU B 23 11.86 -46.18 -13.18
CA GLU B 23 11.52 -45.99 -14.58
C GLU B 23 11.88 -44.61 -15.17
N ASP B 24 12.54 -43.76 -14.41
CA ASP B 24 12.84 -42.43 -14.93
C ASP B 24 14.07 -42.44 -15.84
N LEU B 25 14.17 -41.44 -16.72
CA LEU B 25 15.28 -41.37 -17.65
C LEU B 25 16.35 -40.38 -17.19
N SER B 26 17.61 -40.77 -17.38
CA SER B 26 18.69 -39.81 -17.25
C SER B 26 18.80 -39.02 -18.56
N PHE B 27 19.16 -37.75 -18.45
CA PHE B 27 19.47 -36.98 -19.65
C PHE B 27 20.38 -35.79 -19.40
N GLN B 28 20.79 -35.14 -20.47
CA GLN B 28 21.60 -33.95 -20.34
C GLN B 28 20.89 -32.78 -20.97
N LYS B 29 21.29 -31.60 -20.51
CA LYS B 29 20.87 -30.34 -21.09
C LYS B 29 21.13 -30.41 -22.60
N GLY B 30 20.11 -30.12 -23.38
CA GLY B 30 20.22 -30.18 -24.82
C GLY B 30 19.48 -31.33 -25.44
N ASP B 31 19.27 -32.39 -24.67
CA ASP B 31 18.60 -33.58 -25.17
C ASP B 31 17.17 -33.29 -25.62
N GLN B 32 16.87 -33.71 -26.84
CA GLN B 32 15.49 -33.66 -27.33
C GLN B 32 14.76 -34.96 -26.99
N MET B 33 13.47 -34.86 -26.77
CA MET B 33 12.66 -36.00 -26.36
C MET B 33 11.25 -35.88 -26.93
N VAL B 34 10.60 -37.02 -27.14
CA VAL B 34 9.22 -37.06 -27.58
C VAL B 34 8.31 -37.28 -26.38
N VAL B 35 7.30 -36.44 -26.22
CA VAL B 35 6.38 -36.62 -25.12
C VAL B 35 5.39 -37.71 -25.45
N LEU B 36 5.33 -38.73 -24.59
CA LEU B 36 4.35 -39.79 -24.75
C LEU B 36 3.12 -39.52 -23.87
N GLU B 37 3.31 -38.77 -22.79
CA GLU B 37 2.19 -38.41 -21.92
C GLU B 37 2.48 -37.26 -20.97
N GLU B 38 1.51 -36.36 -20.84
CA GLU B 38 1.60 -35.22 -19.95
C GLU B 38 0.71 -35.46 -18.73
N SER B 39 1.25 -36.16 -17.74
CA SER B 39 0.48 -36.47 -16.53
C SER B 39 1.09 -35.82 -15.28
N GLY B 40 1.24 -34.50 -15.32
CA GLY B 40 1.63 -33.74 -14.14
C GLY B 40 3.11 -33.40 -14.01
N GLU B 41 3.69 -33.75 -12.86
CA GLU B 41 5.07 -33.44 -12.55
C GLU B 41 5.98 -34.41 -13.27
N TRP B 42 5.52 -35.65 -13.42
CA TRP B 42 6.25 -36.66 -14.18
C TRP B 42 5.57 -36.86 -15.51
N TRP B 43 6.30 -36.67 -16.59
CA TRP B 43 5.76 -36.95 -17.93
C TRP B 43 6.39 -38.22 -18.47
N LYS B 44 5.65 -38.95 -19.29
CA LYS B 44 6.23 -40.09 -20.00
C LYS B 44 6.82 -39.64 -21.32
N ALA B 45 8.06 -40.06 -21.59
CA ALA B 45 8.83 -39.53 -22.70
C ALA B 45 9.79 -40.54 -23.36
N ARG B 46 10.01 -40.38 -24.66
CA ARG B 46 11.06 -41.10 -25.38
C ARG B 46 12.21 -40.14 -25.67
N SER B 47 13.41 -40.50 -25.24
CA SER B 47 14.59 -39.69 -25.49
C SER B 47 15.21 -39.96 -26.85
N LEU B 48 15.33 -38.92 -27.69
CA LEU B 48 15.93 -39.05 -29.02
C LEU B 48 17.42 -39.39 -28.95
N ALA B 49 18.00 -39.24 -27.76
CA ALA B 49 19.41 -39.58 -27.55
C ALA B 49 19.62 -41.08 -27.32
N THR B 50 18.78 -41.67 -26.46
CA THR B 50 18.96 -43.07 -26.06
C THR B 50 17.97 -44.03 -26.72
N ARG B 51 16.83 -43.49 -27.15
CA ARG B 51 15.68 -44.26 -27.63
C ARG B 51 14.99 -44.98 -26.46
N LYS B 52 15.32 -44.55 -25.24
CA LYS B 52 14.70 -45.10 -24.02
C LYS B 52 13.41 -44.37 -23.67
N GLU B 53 12.39 -45.15 -23.29
CA GLU B 53 11.10 -44.60 -22.89
C GLU B 53 10.96 -44.63 -21.38
N GLY B 54 10.56 -43.51 -20.79
CA GLY B 54 10.53 -43.40 -19.34
C GLY B 54 9.96 -42.09 -18.84
N TYR B 55 10.13 -41.85 -17.53
CA TYR B 55 9.53 -40.69 -16.87
C TYR B 55 10.53 -39.58 -16.70
N ILE B 56 10.06 -38.37 -17.01
CA ILE B 56 10.88 -37.17 -16.83
C ILE B 56 10.17 -36.12 -16.00
N PRO B 57 10.94 -35.30 -15.26
CA PRO B 57 10.35 -34.17 -14.52
C PRO B 57 9.90 -33.11 -15.51
N SER B 58 8.59 -32.91 -15.63
CA SER B 58 8.02 -31.94 -16.57
C SER B 58 8.71 -30.56 -16.51
N ASN B 59 9.16 -30.16 -15.32
CA ASN B 59 9.78 -28.85 -15.12
C ASN B 59 11.26 -28.76 -15.50
N TYR B 60 11.80 -29.86 -16.01
CA TYR B 60 13.20 -29.90 -16.48
C TYR B 60 13.26 -29.72 -17.99
N VAL B 61 12.08 -29.65 -18.60
CA VAL B 61 12.00 -29.50 -20.05
C VAL B 61 11.04 -28.38 -20.50
N ALA B 62 11.09 -28.05 -21.78
CA ALA B 62 10.18 -27.10 -22.40
C ALA B 62 10.15 -27.38 -23.90
N ARG B 63 9.09 -26.94 -24.57
CA ARG B 63 9.00 -27.07 -26.02
C ARG B 63 10.18 -26.39 -26.73
N VAL B 64 10.53 -26.90 -27.90
CA VAL B 64 11.69 -26.38 -28.62
C VAL B 64 11.42 -24.95 -29.11
N ASP B 65 12.48 -24.14 -29.16
CA ASP B 65 12.40 -22.74 -29.61
C ASP B 65 11.49 -21.83 -28.79
N SER B 66 10.78 -22.40 -27.81
CA SER B 66 9.98 -21.61 -26.87
C SER B 66 10.90 -20.80 -25.97
N LEU B 67 10.35 -19.77 -25.34
CA LEU B 67 11.17 -18.77 -24.63
C LEU B 67 11.95 -19.39 -23.51
N GLU B 68 11.36 -20.41 -22.88
CA GLU B 68 11.97 -21.08 -21.75
C GLU B 68 13.30 -21.74 -22.09
N THR B 69 13.49 -22.11 -23.37
CA THR B 69 14.78 -22.64 -23.80
C THR B 69 15.86 -21.55 -23.76
N GLU B 70 15.45 -20.28 -23.70
CA GLU B 70 16.42 -19.19 -23.67
C GLU B 70 17.06 -19.04 -22.29
N GLU B 71 18.36 -18.77 -22.28
CA GLU B 71 19.09 -18.71 -21.03
C GLU B 71 18.69 -17.49 -20.21
N TRP B 72 18.35 -16.42 -20.91
CA TRP B 72 17.97 -15.15 -20.31
C TRP B 72 16.47 -15.03 -20.08
N PHE B 73 15.72 -16.09 -20.35
CA PHE B 73 14.29 -16.05 -20.04
C PHE B 73 13.98 -16.77 -18.75
N PHE B 74 13.29 -16.05 -17.87
CA PHE B 74 12.90 -16.59 -16.57
C PHE B 74 11.38 -16.59 -16.43
N LYS B 75 10.80 -17.78 -16.49
CA LYS B 75 9.35 -17.97 -16.54
C LYS B 75 8.68 -17.83 -15.19
N GLY B 76 7.55 -17.10 -15.18
CA GLY B 76 6.72 -16.95 -13.99
C GLY B 76 7.41 -16.41 -12.75
N ILE B 77 8.33 -15.48 -12.93
CA ILE B 77 9.07 -14.94 -11.81
C ILE B 77 8.56 -13.53 -11.53
N SER B 78 8.45 -13.18 -10.25
CA SER B 78 7.94 -11.86 -9.87
C SER B 78 9.07 -10.83 -9.86
N ARG B 79 8.69 -9.57 -10.00
CA ARG B 79 9.62 -8.45 -9.92
C ARG B 79 10.57 -8.59 -8.72
N LYS B 80 10.01 -8.91 -7.57
CA LYS B 80 10.77 -8.95 -6.33
C LYS B 80 11.69 -10.15 -6.29
N ASP B 81 11.19 -11.30 -6.76
CA ASP B 81 12.00 -12.51 -6.81
C ASP B 81 13.12 -12.33 -7.83
N ALA B 82 12.78 -11.63 -8.92
CA ALA B 82 13.76 -11.26 -9.94
C ALA B 82 14.94 -10.54 -9.30
N GLU B 83 14.65 -9.53 -8.48
CA GLU B 83 15.70 -8.79 -7.77
C GLU B 83 16.54 -9.75 -6.97
N ARG B 84 15.87 -10.60 -6.19
CA ARG B 84 16.58 -11.59 -5.40
C ARG B 84 17.50 -12.47 -6.24
N GLN B 85 17.02 -12.96 -7.37
CA GLN B 85 17.84 -13.80 -8.22
C GLN B 85 19.07 -13.06 -8.75
N LEU B 86 18.88 -11.80 -9.11
CA LEU B 86 19.94 -11.03 -9.73
C LEU B 86 20.97 -10.53 -8.72
N LEU B 87 20.55 -10.38 -7.47
CA LEU B 87 21.47 -9.91 -6.45
C LEU B 87 22.17 -11.06 -5.72
N ALA B 88 21.87 -12.28 -6.14
CA ALA B 88 22.52 -13.46 -5.59
C ALA B 88 23.98 -13.52 -6.07
N PRO B 89 24.83 -14.28 -5.37
CA PRO B 89 26.24 -14.37 -5.77
C PRO B 89 26.44 -15.03 -7.13
N GLY B 90 27.45 -14.57 -7.85
CA GLY B 90 27.75 -15.12 -9.17
C GLY B 90 27.28 -14.23 -10.31
N ASN B 91 26.51 -13.21 -9.95
CA ASN B 91 26.04 -12.26 -10.93
C ASN B 91 26.88 -10.98 -10.92
N MET B 92 26.76 -10.19 -11.98
CA MET B 92 27.60 -9.00 -12.09
C MET B 92 26.79 -7.84 -12.63
N LEU B 93 27.43 -6.68 -12.72
CA LEU B 93 26.85 -5.51 -13.34
C LEU B 93 26.36 -5.89 -14.72
N GLY B 94 25.18 -5.42 -15.08
CA GLY B 94 24.60 -5.72 -16.38
C GLY B 94 23.98 -7.11 -16.51
N SER B 95 24.11 -7.95 -15.48
CA SER B 95 23.36 -9.21 -15.49
C SER B 95 21.87 -8.90 -15.63
N PHE B 96 21.17 -9.70 -16.41
CA PHE B 96 19.83 -9.32 -16.77
C PHE B 96 18.93 -10.53 -16.94
N MET B 97 17.63 -10.28 -16.97
CA MET B 97 16.65 -11.28 -17.37
C MET B 97 15.45 -10.66 -18.06
N ILE B 98 14.92 -11.38 -19.04
CA ILE B 98 13.59 -11.08 -19.56
C ILE B 98 12.67 -12.05 -18.87
N ARG B 99 11.53 -11.58 -18.38
CA ARG B 99 10.64 -12.44 -17.60
C ARG B 99 9.20 -12.08 -17.89
N ASP B 100 8.27 -12.91 -17.41
CA ASP B 100 6.86 -12.56 -17.49
C ASP B 100 6.59 -11.36 -16.59
N SER B 101 5.91 -10.38 -17.15
CA SER B 101 5.47 -9.23 -16.40
C SER B 101 4.38 -9.62 -15.40
N GLU B 102 4.44 -9.05 -14.20
CA GLU B 102 3.37 -9.21 -13.22
C GLU B 102 2.17 -8.38 -13.61
N THR B 103 2.37 -7.07 -13.69
CA THR B 103 1.22 -6.18 -13.83
C THR B 103 0.60 -6.28 -15.21
N THR B 104 1.40 -6.14 -16.24
CA THR B 104 0.88 -6.25 -17.60
C THR B 104 0.93 -7.70 -18.09
N LYS B 105 -0.20 -8.41 -17.98
CA LYS B 105 -0.27 -9.84 -18.31
C LYS B 105 -0.18 -10.18 -19.80
N GLY B 106 0.62 -11.20 -20.13
CA GLY B 106 0.88 -11.56 -21.50
C GLY B 106 2.01 -10.73 -22.08
N SER B 107 2.53 -9.83 -21.26
CA SER B 107 3.64 -9.01 -21.70
C SER B 107 4.88 -9.33 -20.90
N TYR B 108 6.01 -8.79 -21.33
CA TYR B 108 7.29 -9.15 -20.74
C TYR B 108 7.94 -7.98 -20.06
N SER B 109 8.92 -8.27 -19.24
CA SER B 109 9.71 -7.23 -18.61
C SER B 109 11.20 -7.57 -18.57
N LEU B 110 12.01 -6.53 -18.58
CA LEU B 110 13.46 -6.68 -18.53
C LEU B 110 13.96 -6.23 -17.16
N SER B 111 14.83 -7.03 -16.57
CA SER B 111 15.37 -6.68 -15.26
C SER B 111 16.91 -6.62 -15.33
N VAL B 112 17.49 -5.53 -14.84
CA VAL B 112 18.94 -5.34 -14.99
C VAL B 112 19.70 -4.99 -13.72
N ARG B 113 20.87 -5.62 -13.59
CA ARG B 113 21.76 -5.39 -12.47
C ARG B 113 22.54 -4.10 -12.70
N ASP B 114 22.32 -3.14 -11.81
CA ASP B 114 22.81 -1.79 -11.96
C ASP B 114 23.67 -1.41 -10.76
N TYR B 115 24.44 -0.35 -10.90
CA TYR B 115 25.23 0.14 -9.79
C TYR B 115 25.09 1.64 -9.59
N ASP B 116 25.15 2.02 -8.32
CA ASP B 116 25.00 3.39 -7.90
C ASP B 116 25.87 3.54 -6.65
N PRO B 117 26.69 4.59 -6.61
CA PRO B 117 27.54 4.92 -5.46
C PRO B 117 26.74 5.13 -4.16
N ARG B 118 25.55 5.70 -4.27
CA ARG B 118 24.74 6.00 -3.10
C ARG B 118 23.94 4.80 -2.60
N GLN B 119 23.60 3.89 -3.50
CA GLN B 119 22.72 2.77 -3.17
C GLN B 119 23.41 1.41 -3.19
N GLY B 120 24.53 1.33 -3.91
CA GLY B 120 25.20 0.07 -4.11
C GLY B 120 24.55 -0.67 -5.27
N ASP B 121 24.76 -1.98 -5.29
CA ASP B 121 24.14 -2.83 -6.28
C ASP B 121 22.60 -2.74 -6.22
N THR B 122 21.98 -2.64 -7.38
CA THR B 122 20.52 -2.62 -7.47
C THR B 122 20.03 -3.35 -8.70
N VAL B 123 18.70 -3.41 -8.83
CA VAL B 123 18.04 -3.92 -10.02
C VAL B 123 17.07 -2.87 -10.53
N LYS B 124 17.05 -2.68 -11.83
CA LYS B 124 16.05 -1.84 -12.46
C LYS B 124 15.17 -2.72 -13.34
N HIS B 125 13.97 -2.23 -13.64
CA HIS B 125 13.02 -3.00 -14.45
C HIS B 125 12.47 -2.14 -15.57
N TYR B 126 12.24 -2.77 -16.71
CA TYR B 126 11.69 -2.08 -17.86
C TYR B 126 10.55 -2.87 -18.46
N LYS B 127 9.48 -2.17 -18.82
CA LYS B 127 8.39 -2.80 -19.53
C LYS B 127 8.82 -2.96 -20.98
N ILE B 128 8.57 -4.15 -21.50
CA ILE B 128 8.69 -4.38 -22.92
C ILE B 128 7.29 -4.35 -23.53
N ARG B 129 7.05 -3.32 -24.32
CA ARG B 129 5.78 -3.19 -24.98
C ARG B 129 5.80 -4.02 -26.26
N THR B 130 4.66 -4.66 -26.53
CA THR B 130 4.44 -5.42 -27.76
C THR B 130 3.60 -4.58 -28.71
N LEU B 131 3.34 -5.10 -29.91
CA LEU B 131 2.46 -4.43 -30.87
C LEU B 131 1.89 -5.36 -31.94
N ASP B 132 1.56 -4.77 -33.09
CA ASP B 132 1.22 -5.51 -34.31
C ASP B 132 2.28 -5.08 -35.32
N ASN B 133 2.97 -6.04 -35.95
CA ASN B 133 2.60 -7.46 -35.94
C ASN B 133 3.17 -8.30 -34.80
N GLY B 134 3.54 -7.67 -33.69
CA GLY B 134 4.03 -8.40 -32.54
C GLY B 134 5.50 -8.17 -32.20
N GLY B 135 6.08 -7.10 -32.74
CA GLY B 135 7.44 -6.72 -32.37
C GLY B 135 7.51 -6.25 -30.93
N PHE B 136 8.72 -5.92 -30.49
CA PHE B 136 8.92 -5.51 -29.10
C PHE B 136 9.78 -4.26 -29.02
N TYR B 137 9.48 -3.42 -28.03
CA TYR B 137 10.32 -2.25 -27.79
C TYR B 137 10.33 -1.90 -26.30
N ILE B 138 11.46 -1.35 -25.85
CA ILE B 138 11.45 -0.70 -24.54
C ILE B 138 11.33 0.80 -24.77
N SER B 139 11.99 1.28 -25.82
CA SER B 139 11.81 2.64 -26.31
C SER B 139 11.22 2.63 -27.72
N PRO B 140 10.25 3.51 -27.99
CA PRO B 140 9.52 3.63 -29.26
C PRO B 140 10.40 3.84 -30.50
N ARG B 141 11.59 4.42 -30.34
CA ARG B 141 12.48 4.64 -31.48
C ARG B 141 13.14 3.32 -31.92
N SER B 142 13.30 2.41 -30.97
CA SER B 142 14.01 1.15 -31.23
C SER B 142 13.11 -0.08 -31.05
N THR B 143 12.83 -0.73 -32.18
CA THR B 143 11.86 -1.80 -32.22
C THR B 143 12.55 -3.05 -32.78
N PHE B 144 12.15 -4.22 -32.28
CA PHE B 144 12.76 -5.48 -32.72
C PHE B 144 11.71 -6.53 -33.04
N SER B 145 12.06 -7.42 -33.96
CA SER B 145 11.17 -8.48 -34.45
C SER B 145 10.94 -9.56 -33.40
N THR B 146 12.04 -9.96 -32.74
CA THR B 146 11.98 -10.93 -31.66
C THR B 146 12.69 -10.39 -30.40
N LEU B 147 12.43 -11.02 -29.26
CA LEU B 147 13.09 -10.66 -28.02
C LEU B 147 14.61 -10.87 -28.07
N GLN B 148 15.05 -11.86 -28.84
CA GLN B 148 16.47 -12.15 -28.95
C GLN B 148 17.18 -10.93 -29.53
N GLU B 149 16.57 -10.33 -30.55
CA GLU B 149 17.10 -9.12 -31.17
C GLU B 149 17.26 -7.98 -30.16
N LEU B 150 16.18 -7.73 -29.41
CA LEU B 150 16.22 -6.79 -28.28
C LEU B 150 17.40 -7.11 -27.36
N VAL B 151 17.54 -8.36 -26.94
CA VAL B 151 18.65 -8.73 -26.08
C VAL B 151 19.99 -8.41 -26.74
N ASP B 152 20.11 -8.71 -28.02
CA ASP B 152 21.38 -8.57 -28.71
C ASP B 152 21.76 -7.10 -28.86
N HIS B 153 20.75 -6.27 -29.12
CA HIS B 153 20.93 -4.83 -29.23
C HIS B 153 21.51 -4.22 -27.96
N TYR B 154 20.83 -4.43 -26.83
CA TYR B 154 21.23 -3.81 -25.58
C TYR B 154 22.46 -4.46 -25.01
N LYS B 155 22.91 -5.51 -25.66
CA LYS B 155 24.23 -6.05 -25.40
C LYS B 155 25.32 -5.18 -26.02
N LYS B 156 24.95 -4.33 -26.98
CA LYS B 156 25.93 -3.50 -27.66
C LYS B 156 26.23 -2.25 -26.85
N GLY B 157 25.19 -1.58 -26.38
CA GLY B 157 25.37 -0.39 -25.58
C GLY B 157 24.13 -0.23 -24.75
N ASN B 158 24.21 0.57 -23.69
CA ASN B 158 23.04 0.76 -22.81
C ASN B 158 21.87 1.41 -23.55
N ASP B 159 22.19 2.33 -24.46
CA ASP B 159 21.20 2.98 -25.32
C ASP B 159 19.91 3.38 -24.60
N GLY B 160 20.04 4.09 -23.48
CA GLY B 160 18.89 4.53 -22.72
C GLY B 160 18.84 3.82 -21.37
N LEU B 161 19.27 2.56 -21.34
CA LEU B 161 19.19 1.74 -20.13
C LEU B 161 20.21 2.21 -19.09
N CYS B 162 20.01 1.78 -17.85
CA CYS B 162 20.87 2.15 -16.73
C CYS B 162 22.24 1.50 -16.88
N GLN B 163 22.33 0.53 -17.78
CA GLN B 163 23.49 -0.34 -17.88
C GLN B 163 23.39 -1.14 -19.16
N LYS B 164 24.54 -1.46 -19.77
CA LYS B 164 24.54 -2.36 -20.91
C LYS B 164 24.36 -3.81 -20.43
N LEU B 165 23.70 -4.64 -21.25
CA LEU B 165 23.48 -6.02 -20.87
C LEU B 165 24.77 -6.84 -20.99
N SER B 166 25.13 -7.50 -19.89
CA SER B 166 26.30 -8.36 -19.86
C SER B 166 25.92 -9.83 -20.06
N VAL B 167 25.63 -10.52 -18.96
CA VAL B 167 25.36 -11.96 -18.98
C VAL B 167 24.03 -12.28 -18.27
N PRO B 168 23.26 -13.25 -18.80
CA PRO B 168 21.99 -13.67 -18.17
C PRO B 168 22.17 -14.02 -16.70
N CYS B 169 21.11 -13.83 -15.93
CA CYS B 169 21.11 -14.14 -14.49
C CYS B 169 21.45 -15.61 -14.28
N MET B 170 22.16 -15.89 -13.19
CA MET B 170 22.46 -17.27 -12.80
C MET B 170 21.15 -18.02 -12.56
N SER B 171 21.00 -19.15 -13.24
CA SER B 171 19.79 -19.98 -13.13
C SER B 171 19.95 -20.98 -12.01
N SER B 172 18.89 -21.18 -11.25
CA SER B 172 18.93 -22.09 -10.10
C SER B 172 18.82 -23.55 -10.47
N LYS B 173 19.30 -24.38 -9.56
CA LYS B 173 19.04 -25.81 -9.56
C LYS B 173 17.54 -26.07 -9.30
N PRO B 174 16.84 -26.62 -10.30
CA PRO B 174 15.39 -26.84 -10.14
C PRO B 174 15.14 -28.04 -9.24
N GLN B 175 14.13 -27.99 -8.39
CA GLN B 175 13.92 -29.05 -7.43
C GLN B 175 13.39 -30.32 -8.09
N LYS B 176 13.96 -31.47 -7.72
CA LYS B 176 13.46 -32.76 -8.20
C LYS B 176 12.04 -32.94 -7.69
N PRO B 177 11.13 -33.41 -8.56
CA PRO B 177 9.78 -33.75 -8.07
C PRO B 177 9.80 -35.01 -7.20
N TRP B 178 8.98 -35.00 -6.16
CA TRP B 178 8.83 -36.17 -5.33
C TRP B 178 8.34 -37.35 -6.20
N GLU B 179 8.87 -38.54 -5.92
CA GLU B 179 8.37 -39.78 -6.50
C GLU B 179 6.85 -39.76 -6.71
N LYS B 180 6.41 -40.20 -7.89
CA LYS B 180 4.98 -40.16 -8.21
C LYS B 180 4.22 -41.10 -7.27
N ASP B 181 2.98 -40.73 -6.95
CA ASP B 181 2.07 -41.58 -6.17
C ASP B 181 2.74 -42.09 -4.89
N ALA B 182 3.35 -41.17 -4.16
CA ALA B 182 4.12 -41.52 -2.96
C ALA B 182 3.87 -40.52 -1.84
N TRP B 183 2.60 -40.19 -1.65
CA TRP B 183 2.21 -39.27 -0.60
C TRP B 183 2.26 -40.01 0.73
N GLU B 184 1.70 -41.21 0.75
CA GLU B 184 1.88 -42.09 1.90
C GLU B 184 3.07 -43.03 1.65
N ILE B 185 4.07 -42.96 2.52
CA ILE B 185 5.21 -43.84 2.37
C ILE B 185 5.34 -44.76 3.58
N PRO B 186 5.79 -46.00 3.36
CA PRO B 186 6.10 -46.95 4.45
C PRO B 186 7.32 -46.45 5.21
N ARG B 187 7.31 -46.60 6.53
CA ARG B 187 8.41 -46.10 7.36
C ARG B 187 9.78 -46.61 6.90
N GLU B 188 9.82 -47.83 6.36
CA GLU B 188 11.08 -48.50 5.99
C GLU B 188 11.92 -47.72 5.00
N SER B 189 11.27 -46.89 4.17
CA SER B 189 11.97 -46.10 3.16
C SER B 189 12.87 -45.03 3.76
N LEU B 190 12.57 -44.62 4.99
CA LEU B 190 13.33 -43.56 5.63
C LEU B 190 14.52 -44.08 6.45
N LYS B 191 15.60 -43.30 6.46
CA LYS B 191 16.64 -43.43 7.49
C LYS B 191 16.86 -42.05 8.13
N LEU B 192 16.49 -41.92 9.40
CA LEU B 192 16.70 -40.63 10.09
C LEU B 192 18.14 -40.57 10.63
N GLU B 193 18.93 -39.64 10.11
CA GLU B 193 20.38 -39.67 10.32
C GLU B 193 20.96 -38.67 11.34
N LYS B 194 20.22 -37.61 11.64
CA LYS B 194 20.74 -36.51 12.47
C LYS B 194 19.58 -35.81 13.15
N LYS B 195 19.50 -35.94 14.47
CA LYS B 195 18.47 -35.21 15.20
C LYS B 195 18.81 -33.75 15.09
N LEU B 196 17.98 -33.00 14.38
CA LEU B 196 18.20 -31.56 14.18
C LEU B 196 17.65 -30.74 15.34
N GLY B 197 16.55 -31.23 15.91
CA GLY B 197 15.89 -30.49 16.96
C GLY B 197 14.90 -31.38 17.67
N ALA B 198 14.67 -31.11 18.95
CA ALA B 198 13.77 -31.92 19.75
C ALA B 198 12.87 -31.05 20.62
N GLY B 199 11.59 -31.37 20.66
CA GLY B 199 10.62 -30.60 21.44
C GLY B 199 9.55 -31.40 22.17
N GLN B 200 8.76 -30.68 22.96
CA GLN B 200 7.63 -31.23 23.73
C GLN B 200 6.71 -32.15 22.92
N PHE B 201 6.54 -31.90 21.62
CA PHE B 201 5.61 -32.71 20.82
C PHE B 201 6.26 -33.70 19.86
N GLY B 202 7.59 -33.70 19.78
CA GLY B 202 8.30 -34.64 18.92
C GLY B 202 9.64 -34.08 18.51
N GLU B 203 10.26 -34.67 17.48
CA GLU B 203 11.57 -34.22 17.04
C GLU B 203 11.65 -33.90 15.54
N VAL B 204 12.79 -33.36 15.11
CA VAL B 204 13.07 -33.18 13.70
C VAL B 204 14.42 -33.78 13.33
N TRP B 205 14.43 -34.53 12.25
CA TRP B 205 15.61 -35.24 11.80
C TRP B 205 15.91 -34.87 10.36
N MET B 206 17.19 -34.77 10.06
CA MET B 206 17.65 -34.82 8.68
C MET B 206 17.62 -36.32 8.31
N ALA B 207 17.05 -36.64 7.15
CA ALA B 207 16.86 -38.03 6.76
C ALA B 207 17.03 -38.30 5.26
N THR B 208 17.08 -39.58 4.90
CA THR B 208 17.19 -40.00 3.50
C THR B 208 16.00 -40.90 3.16
N TYR B 209 15.41 -40.66 1.99
CA TYR B 209 14.28 -41.44 1.52
C TYR B 209 14.75 -42.32 0.38
N ASN B 210 14.68 -43.64 0.60
CA ASN B 210 14.97 -44.64 -0.43
C ASN B 210 16.37 -44.56 -1.02
N LYS B 211 17.32 -44.11 -0.19
CA LYS B 211 18.75 -43.99 -0.51
C LYS B 211 19.10 -42.88 -1.49
N HIS B 212 18.09 -42.16 -1.99
CA HIS B 212 18.34 -41.21 -3.08
C HIS B 212 18.08 -39.74 -2.76
N THR B 213 17.13 -39.45 -1.87
CA THR B 213 16.73 -38.07 -1.66
C THR B 213 16.92 -37.55 -0.21
N LYS B 214 17.60 -36.42 -0.08
CA LYS B 214 17.74 -35.79 1.24
C LYS B 214 16.43 -35.07 1.59
N VAL B 215 15.99 -35.27 2.83
CA VAL B 215 14.76 -34.66 3.32
C VAL B 215 14.88 -34.33 4.81
N ALA B 216 13.87 -33.65 5.34
CA ALA B 216 13.73 -33.51 6.79
C ALA B 216 12.53 -34.30 7.20
N VAL B 217 12.54 -34.78 8.44
CA VAL B 217 11.39 -35.51 8.97
C VAL B 217 11.03 -34.94 10.34
N LYS B 218 9.76 -34.62 10.50
CA LYS B 218 9.25 -34.25 11.81
C LYS B 218 8.48 -35.45 12.38
N THR B 219 8.93 -35.91 13.53
CA THR B 219 8.33 -37.08 14.15
C THR B 219 7.39 -36.63 15.27
N MET B 220 6.15 -37.11 15.25
CA MET B 220 5.12 -36.68 16.20
C MET B 220 4.85 -37.71 17.31
N LYS B 221 4.96 -37.27 18.56
CA LYS B 221 4.66 -38.10 19.72
C LYS B 221 3.23 -38.60 19.70
N PRO B 222 3.04 -39.92 19.86
CA PRO B 222 1.71 -40.52 19.92
C PRO B 222 0.88 -39.83 21.01
N GLY B 223 -0.34 -39.39 20.69
CA GLY B 223 -1.12 -38.61 21.62
C GLY B 223 -2.55 -38.33 21.20
N SER B 224 -3.08 -37.21 21.67
CA SER B 224 -4.45 -36.77 21.38
C SER B 224 -4.61 -36.32 19.92
N MET B 225 -3.50 -35.92 19.29
CA MET B 225 -3.50 -35.65 17.85
C MET B 225 -3.92 -36.91 17.11
N SER B 226 -5.22 -37.01 16.89
CA SER B 226 -5.82 -38.19 16.26
C SER B 226 -5.24 -38.40 14.88
N VAL B 227 -4.95 -39.66 14.56
CA VAL B 227 -4.44 -40.03 13.27
C VAL B 227 -5.30 -39.51 12.11
N GLU B 228 -6.56 -39.93 12.07
CA GLU B 228 -7.42 -39.57 10.95
C GLU B 228 -7.76 -38.08 10.94
N ALA B 229 -7.56 -37.42 12.09
CA ALA B 229 -7.71 -35.98 12.20
C ALA B 229 -6.54 -35.27 11.52
N PHE B 230 -5.35 -35.53 12.07
CA PHE B 230 -4.13 -35.00 11.50
C PHE B 230 -4.03 -35.30 10.01
N LEU B 231 -4.39 -36.51 9.63
CA LEU B 231 -4.26 -36.94 8.23
C LEU B 231 -5.17 -36.20 7.27
N ALA B 232 -6.36 -35.83 7.74
CA ALA B 232 -7.24 -35.00 6.94
C ALA B 232 -6.62 -33.60 6.80
N GLU B 233 -6.14 -33.07 7.93
CA GLU B 233 -5.42 -31.80 7.92
C GLU B 233 -4.23 -31.80 6.96
N ALA B 234 -3.46 -32.88 7.01
CA ALA B 234 -2.27 -33.04 6.18
C ALA B 234 -2.62 -32.88 4.72
N ASN B 235 -3.77 -33.41 4.35
CA ASN B 235 -4.19 -33.35 2.97
C ASN B 235 -4.48 -31.91 2.57
N VAL B 236 -4.93 -31.11 3.52
CA VAL B 236 -5.08 -29.69 3.25
C VAL B 236 -3.70 -29.04 3.08
N MET B 237 -2.79 -29.36 3.99
CA MET B 237 -1.45 -28.77 4.02
C MET B 237 -0.69 -28.98 2.70
N LYS B 238 -0.75 -30.19 2.18
CA LYS B 238 -0.14 -30.55 0.89
C LYS B 238 -0.58 -29.63 -0.26
N THR B 239 -1.78 -29.08 -0.15
CA THR B 239 -2.33 -28.26 -1.22
C THR B 239 -1.83 -26.83 -1.12
N LEU B 240 -1.29 -26.47 0.04
CA LEU B 240 -0.77 -25.13 0.24
C LEU B 240 0.68 -25.04 -0.27
N GLN B 241 0.83 -25.15 -1.58
CA GLN B 241 2.15 -25.07 -2.21
C GLN B 241 2.44 -23.64 -2.64
N HIS B 242 3.61 -23.14 -2.24
CA HIS B 242 4.04 -21.77 -2.57
C HIS B 242 5.54 -21.62 -2.31
N ASP B 243 6.21 -20.81 -3.12
CA ASP B 243 7.66 -20.66 -2.97
C ASP B 243 8.09 -20.38 -1.54
N LYS B 244 7.27 -19.65 -0.79
CA LYS B 244 7.58 -19.30 0.61
C LYS B 244 6.96 -20.20 1.69
N LEU B 245 6.35 -21.33 1.31
CA LEU B 245 6.00 -22.33 2.32
C LEU B 245 6.90 -23.54 2.15
N VAL B 246 7.37 -24.09 3.27
CA VAL B 246 8.13 -25.32 3.22
C VAL B 246 7.20 -26.32 2.53
N LYS B 247 7.78 -27.20 1.73
CA LYS B 247 6.95 -28.11 0.95
C LYS B 247 6.89 -29.51 1.58
N LEU B 248 5.67 -30.00 1.77
CA LEU B 248 5.45 -31.37 2.24
C LEU B 248 5.71 -32.36 1.09
N HIS B 249 6.48 -33.41 1.35
CA HIS B 249 6.72 -34.45 0.36
C HIS B 249 5.84 -35.67 0.60
N ALA B 250 5.92 -36.20 1.82
CA ALA B 250 5.18 -37.41 2.18
C ALA B 250 4.87 -37.48 3.66
N VAL B 251 4.07 -38.48 4.00
CA VAL B 251 3.68 -38.70 5.37
C VAL B 251 3.74 -40.20 5.69
N VAL B 252 3.97 -40.55 6.95
CA VAL B 252 3.83 -41.94 7.37
C VAL B 252 2.64 -42.01 8.31
N THR B 253 1.61 -42.74 7.91
CA THR B 253 0.33 -42.75 8.61
C THR B 253 0.31 -43.59 9.90
N LYS B 254 1.15 -44.61 9.99
CA LYS B 254 1.19 -45.43 11.21
C LYS B 254 1.85 -44.66 12.36
N GLU B 255 1.20 -44.63 13.52
CA GLU B 255 1.75 -43.94 14.70
C GLU B 255 3.09 -44.56 15.09
N PRO B 256 4.05 -43.72 15.49
CA PRO B 256 4.02 -42.25 15.50
C PRO B 256 4.14 -41.62 14.10
N ILE B 257 3.27 -40.63 13.84
CA ILE B 257 3.22 -39.94 12.56
C ILE B 257 4.55 -39.29 12.20
N TYR B 258 4.99 -39.51 10.97
CA TYR B 258 6.19 -38.82 10.47
C TYR B 258 5.77 -37.86 9.38
N ILE B 259 6.33 -36.66 9.40
CA ILE B 259 6.03 -35.66 8.38
C ILE B 259 7.28 -35.40 7.57
N ILE B 260 7.22 -35.71 6.28
CA ILE B 260 8.42 -35.57 5.47
C ILE B 260 8.31 -34.32 4.60
N THR B 261 9.33 -33.47 4.69
CA THR B 261 9.33 -32.19 3.99
C THR B 261 10.70 -31.95 3.36
N GLU B 262 10.78 -30.95 2.48
CA GLU B 262 12.09 -30.58 1.93
C GLU B 262 13.07 -30.25 3.06
N PHE B 263 14.34 -30.50 2.77
CA PHE B 263 15.38 -30.11 3.71
C PHE B 263 15.81 -28.64 3.52
N MET B 264 15.89 -27.87 4.60
CA MET B 264 16.31 -26.48 4.49
C MET B 264 17.68 -26.33 5.10
N ALA B 265 18.68 -26.05 4.27
CA ALA B 265 20.07 -26.17 4.72
C ALA B 265 20.45 -25.28 5.90
N LYS B 266 19.75 -24.16 6.08
CA LYS B 266 20.13 -23.25 7.15
C LYS B 266 19.20 -23.25 8.35
N GLY B 267 18.33 -24.25 8.44
CA GLY B 267 17.48 -24.40 9.61
C GLY B 267 16.57 -23.21 9.87
N SER B 268 16.23 -22.98 11.14
CA SER B 268 15.22 -21.99 11.49
C SER B 268 15.82 -20.61 11.48
N LEU B 269 14.99 -19.63 11.15
CA LEU B 269 15.38 -18.22 11.11
C LEU B 269 16.00 -17.78 12.43
N LEU B 270 15.37 -18.19 13.54
CA LEU B 270 15.90 -17.86 14.88
C LEU B 270 17.36 -18.26 15.00
N ASP B 271 17.66 -19.52 14.69
CA ASP B 271 19.03 -19.99 14.80
C ASP B 271 19.92 -19.30 13.76
N PHE B 272 19.39 -19.03 12.58
CA PHE B 272 20.17 -18.34 11.56
C PHE B 272 20.51 -16.89 11.92
N LEU B 273 19.51 -16.16 12.40
CA LEU B 273 19.72 -14.78 12.85
C LEU B 273 20.75 -14.68 14.00
N LYS B 274 20.71 -15.65 14.92
CA LYS B 274 21.61 -15.69 16.06
C LYS B 274 23.04 -16.16 15.71
N SER B 275 23.22 -16.67 14.49
CA SER B 275 24.52 -17.19 14.06
C SER B 275 25.48 -16.06 13.66
N ASP B 276 26.69 -16.41 13.22
CA ASP B 276 27.63 -15.38 12.79
C ASP B 276 27.22 -14.80 11.45
N GLU B 277 26.85 -15.70 10.53
CA GLU B 277 26.46 -15.27 9.19
C GLU B 277 25.20 -14.40 9.24
N GLY B 278 24.34 -14.66 10.22
CA GLY B 278 23.13 -13.91 10.42
C GLY B 278 23.42 -12.49 10.90
N SER B 279 24.23 -12.40 11.94
CA SER B 279 24.69 -11.12 12.48
C SER B 279 25.35 -10.21 11.43
N LYS B 280 25.75 -10.79 10.29
CA LYS B 280 26.36 -10.06 9.19
C LYS B 280 25.37 -9.53 8.14
N GLN B 281 24.09 -9.85 8.30
CA GLN B 281 23.09 -9.44 7.32
C GLN B 281 22.67 -8.00 7.63
N PRO B 282 22.84 -7.11 6.67
CA PRO B 282 22.45 -5.71 6.89
C PRO B 282 20.93 -5.59 7.01
N LEU B 283 20.47 -4.45 7.54
CA LEU B 283 19.05 -4.18 7.71
C LEU B 283 18.15 -4.51 6.49
N PRO B 284 18.56 -4.11 5.27
CA PRO B 284 17.69 -4.46 4.12
C PRO B 284 17.52 -5.96 3.82
N LYS B 285 18.51 -6.80 4.16
CA LYS B 285 18.34 -8.25 4.04
C LYS B 285 17.21 -8.70 4.97
N LEU B 286 17.25 -8.17 6.20
CA LEU B 286 16.28 -8.49 7.23
C LEU B 286 14.87 -8.14 6.79
N ILE B 287 14.70 -6.92 6.27
CA ILE B 287 13.43 -6.49 5.74
C ILE B 287 13.04 -7.38 4.57
N ASP B 288 14.01 -7.73 3.72
CA ASP B 288 13.70 -8.64 2.61
C ASP B 288 13.21 -10.00 3.13
N PHE B 289 13.81 -10.48 4.21
CA PHE B 289 13.36 -11.72 4.83
C PHE B 289 11.91 -11.55 5.24
N SER B 290 11.62 -10.47 5.98
CA SER B 290 10.28 -10.27 6.51
C SER B 290 9.30 -10.06 5.37
N ALA B 291 9.78 -9.49 4.25
CA ALA B 291 8.94 -9.39 3.04
C ALA B 291 8.54 -10.78 2.53
N GLN B 292 9.50 -11.72 2.55
CA GLN B 292 9.24 -13.09 2.08
C GLN B 292 8.21 -13.84 2.93
N ILE B 293 8.31 -13.65 4.25
CA ILE B 293 7.38 -14.26 5.18
C ILE B 293 5.98 -13.68 4.99
N ALA B 294 5.91 -12.38 4.75
CA ALA B 294 4.61 -11.75 4.50
C ALA B 294 4.04 -12.22 3.16
N GLU B 295 4.92 -12.49 2.19
CA GLU B 295 4.42 -13.07 0.95
C GLU B 295 3.74 -14.42 1.23
N GLY B 296 4.41 -15.29 2.02
CA GLY B 296 3.89 -16.61 2.36
C GLY B 296 2.60 -16.50 3.18
N MET B 297 2.57 -15.55 4.10
CA MET B 297 1.36 -15.30 4.85
C MET B 297 0.23 -14.72 3.97
N ALA B 298 0.54 -13.84 3.00
CA ALA B 298 -0.49 -13.33 2.09
C ALA B 298 -1.10 -14.46 1.26
N PHE B 299 -0.30 -15.47 0.95
CA PHE B 299 -0.81 -16.67 0.29
C PHE B 299 -1.77 -17.44 1.20
N ILE B 300 -1.34 -17.69 2.44
CA ILE B 300 -2.14 -18.42 3.43
C ILE B 300 -3.44 -17.66 3.71
N GLU B 301 -3.31 -16.34 3.79
CA GLU B 301 -4.45 -15.44 3.90
C GLU B 301 -5.41 -15.58 2.72
N GLN B 302 -4.88 -15.58 1.49
CA GLN B 302 -5.75 -15.67 0.31
C GLN B 302 -6.43 -17.03 0.24
N ARG B 303 -5.75 -18.04 0.81
CA ARG B 303 -6.27 -19.41 0.85
C ARG B 303 -7.19 -19.65 2.04
N ASN B 304 -7.60 -18.56 2.68
CA ASN B 304 -8.55 -18.58 3.79
C ASN B 304 -8.10 -19.48 4.91
N TYR B 305 -6.77 -19.55 5.10
CA TYR B 305 -6.19 -20.49 6.04
C TYR B 305 -5.58 -19.73 7.20
N ILE B 306 -5.11 -20.46 8.22
CA ILE B 306 -4.57 -19.84 9.43
C ILE B 306 -3.30 -20.59 9.84
N HIS B 307 -2.33 -19.87 10.40
CA HIS B 307 -1.09 -20.49 10.81
C HIS B 307 -1.09 -20.93 12.28
N ARG B 308 -1.44 -20.01 13.18
CA ARG B 308 -1.53 -20.23 14.64
C ARG B 308 -0.24 -20.24 15.49
N ASP B 309 0.92 -20.32 14.84
CA ASP B 309 2.18 -20.34 15.59
C ASP B 309 3.32 -19.61 14.84
N LEU B 310 3.01 -18.41 14.35
CA LEU B 310 3.95 -17.68 13.54
C LEU B 310 5.02 -16.99 14.39
N ARG B 311 6.28 -17.40 14.21
CA ARG B 311 7.44 -16.79 14.86
C ARG B 311 8.74 -17.21 14.17
N ALA B 312 9.85 -16.59 14.52
CA ALA B 312 11.10 -16.91 13.83
C ALA B 312 11.43 -18.43 13.83
N ALA B 313 11.00 -19.13 14.88
CA ALA B 313 11.32 -20.53 15.04
C ALA B 313 10.52 -21.37 14.07
N ASN B 314 9.48 -20.80 13.49
CA ASN B 314 8.72 -21.57 12.48
C ASN B 314 8.88 -21.08 11.01
N ILE B 315 9.92 -20.30 10.80
CA ILE B 315 10.33 -19.94 9.46
C ILE B 315 11.61 -20.73 9.23
N LEU B 316 11.82 -21.20 8.02
CA LEU B 316 13.05 -21.91 7.75
C LEU B 316 13.84 -21.10 6.74
N VAL B 317 15.15 -21.35 6.69
CA VAL B 317 16.02 -20.65 5.74
C VAL B 317 16.74 -21.65 4.81
N SER B 318 16.66 -21.37 3.51
CA SER B 318 17.27 -22.22 2.48
C SER B 318 18.72 -21.84 2.31
N ALA B 319 19.50 -22.68 1.63
CA ALA B 319 20.92 -22.39 1.41
C ALA B 319 21.08 -21.02 0.73
N SER B 320 20.19 -20.76 -0.23
CA SER B 320 20.12 -19.48 -0.94
C SER B 320 19.40 -18.36 -0.18
N LEU B 321 19.27 -18.49 1.13
CA LEU B 321 18.66 -17.44 1.96
C LEU B 321 17.21 -17.12 1.58
N VAL B 322 16.49 -18.12 1.07
CA VAL B 322 15.05 -17.98 0.86
C VAL B 322 14.31 -18.39 2.13
N CYS B 323 13.34 -17.59 2.56
CA CYS B 323 12.62 -17.91 3.79
C CYS B 323 11.41 -18.77 3.50
N LYS B 324 11.20 -19.79 4.32
CA LYS B 324 10.07 -20.69 4.15
C LYS B 324 9.27 -20.89 5.45
N ILE B 325 7.96 -20.67 5.36
CA ILE B 325 7.05 -20.85 6.47
C ILE B 325 6.90 -22.35 6.81
N ALA B 326 6.98 -22.70 8.09
CA ALA B 326 6.83 -24.08 8.54
C ALA B 326 5.73 -24.19 9.61
N ASP B 327 5.27 -25.43 9.86
CA ASP B 327 4.30 -25.70 10.93
C ASP B 327 2.95 -25.01 10.77
N PHE B 328 2.56 -24.72 9.54
CA PHE B 328 1.26 -24.07 9.32
C PHE B 328 0.06 -25.02 9.50
N GLY B 329 -0.82 -24.66 10.44
CA GLY B 329 -1.98 -25.46 10.75
C GLY B 329 -1.65 -26.68 11.60
N LEU B 330 -0.41 -26.75 12.07
CA LEU B 330 0.04 -27.82 12.95
C LEU B 330 -0.41 -27.56 14.39
N ALA B 331 -0.42 -26.29 14.79
CA ALA B 331 -0.88 -25.92 16.12
C ALA B 331 -2.34 -26.31 16.32
N ARG B 332 -3.10 -26.36 15.22
CA ARG B 332 -4.50 -26.74 15.27
C ARG B 332 -4.66 -28.15 15.84
N VAL B 333 -4.24 -29.14 15.06
CA VAL B 333 -4.43 -30.54 15.39
C VAL B 333 -3.48 -31.04 16.48
N ILE B 334 -3.20 -30.19 17.46
CA ILE B 334 -2.28 -30.54 18.52
C ILE B 334 -3.01 -31.19 19.69
N PHE B 347 4.73 -22.93 25.26
CA PHE B 347 3.51 -22.15 25.03
C PHE B 347 3.83 -20.66 24.79
N PRO B 348 3.88 -20.26 23.50
CA PRO B 348 4.32 -18.94 23.05
C PRO B 348 3.23 -17.85 23.15
N ILE B 349 3.10 -17.23 24.32
CA ILE B 349 2.11 -16.18 24.49
C ILE B 349 2.72 -14.79 24.27
N LYS B 350 4.04 -14.73 24.25
CA LYS B 350 4.71 -13.50 23.86
C LYS B 350 4.55 -13.26 22.36
N TRP B 351 3.94 -14.22 21.67
CA TRP B 351 3.72 -14.11 20.23
C TRP B 351 2.23 -14.07 19.96
N THR B 352 1.44 -14.33 20.99
CA THR B 352 0.01 -14.56 20.81
C THR B 352 -0.86 -13.31 21.04
N ALA B 353 -1.81 -13.09 20.14
CA ALA B 353 -2.70 -11.95 20.22
C ALA B 353 -3.71 -12.15 21.33
N PRO B 354 -4.10 -11.06 22.02
CA PRO B 354 -5.02 -11.11 23.16
C PRO B 354 -6.27 -11.98 22.97
N GLU B 355 -6.95 -11.92 21.82
CA GLU B 355 -8.17 -12.73 21.59
C GLU B 355 -7.90 -14.23 21.53
N ALA B 356 -6.69 -14.59 21.14
CA ALA B 356 -6.34 -16.00 21.06
C ALA B 356 -5.86 -16.46 22.44
N ILE B 357 -5.17 -15.56 23.14
CA ILE B 357 -4.75 -15.83 24.52
C ILE B 357 -5.97 -16.09 25.40
N ASN B 358 -6.98 -15.23 25.27
CA ASN B 358 -8.16 -15.28 26.12
C ASN B 358 -9.19 -16.33 25.71
N PHE B 359 -9.63 -16.25 24.45
CA PHE B 359 -10.87 -16.93 24.04
C PHE B 359 -10.70 -18.03 22.99
N GLY B 360 -9.47 -18.51 22.79
CA GLY B 360 -9.19 -19.53 21.80
C GLY B 360 -9.51 -19.06 20.38
N SER B 361 -9.39 -17.76 20.17
CA SER B 361 -9.80 -17.15 18.91
C SER B 361 -8.60 -16.81 18.03
N PHE B 362 -8.25 -17.74 17.16
CA PHE B 362 -7.13 -17.61 16.26
C PHE B 362 -7.68 -17.29 14.87
N THR B 363 -7.39 -16.10 14.37
CA THR B 363 -7.77 -15.72 13.00
C THR B 363 -6.52 -15.40 12.20
N ILE B 364 -6.72 -14.99 10.94
CA ILE B 364 -5.64 -14.46 10.15
C ILE B 364 -5.08 -13.19 10.83
N LYS B 365 -5.94 -12.53 11.61
CA LYS B 365 -5.56 -11.31 12.33
C LYS B 365 -4.71 -11.55 13.57
N SER B 366 -4.90 -12.69 14.24
CA SER B 366 -3.98 -13.06 15.32
C SER B 366 -2.59 -13.40 14.73
N ASP B 367 -2.58 -14.02 13.54
CA ASP B 367 -1.35 -14.19 12.78
C ASP B 367 -0.68 -12.87 12.44
N VAL B 368 -1.48 -11.88 12.02
CA VAL B 368 -0.98 -10.52 11.84
C VAL B 368 -0.26 -10.03 13.09
N TRP B 369 -0.91 -10.14 14.23
CA TRP B 369 -0.25 -9.81 15.49
C TRP B 369 1.08 -10.55 15.60
N SER B 370 1.03 -11.88 15.47
CA SER B 370 2.23 -12.70 15.61
C SER B 370 3.31 -12.17 14.68
N PHE B 371 2.93 -11.82 13.45
CA PHE B 371 3.87 -11.29 12.48
C PHE B 371 4.61 -10.06 12.99
N GLY B 372 3.88 -9.17 13.63
CA GLY B 372 4.48 -7.99 14.23
C GLY B 372 5.58 -8.36 15.20
N ILE B 373 5.29 -9.34 16.06
CA ILE B 373 6.29 -9.85 16.99
C ILE B 373 7.49 -10.46 16.24
N LEU B 374 7.21 -11.13 15.14
CA LEU B 374 8.26 -11.77 14.36
C LEU B 374 9.13 -10.69 13.70
N LEU B 375 8.50 -9.59 13.31
CA LEU B 375 9.18 -8.45 12.71
C LEU B 375 10.20 -7.88 13.69
N MET B 376 9.84 -7.97 14.98
CA MET B 376 10.69 -7.46 16.05
C MET B 376 11.87 -8.37 16.18
N GLU B 377 11.57 -9.67 16.34
CA GLU B 377 12.55 -10.75 16.40
C GLU B 377 13.58 -10.60 15.30
N ILE B 378 13.07 -10.41 14.08
CA ILE B 378 13.96 -10.35 12.93
C ILE B 378 14.93 -9.19 13.05
N VAL B 379 14.41 -8.02 13.41
CA VAL B 379 15.19 -6.79 13.45
C VAL B 379 16.14 -6.73 14.66
N THR B 380 15.82 -7.51 15.70
CA THR B 380 16.69 -7.63 16.87
C THR B 380 17.60 -8.87 16.78
N TYR B 381 17.82 -9.37 15.57
CA TYR B 381 18.63 -10.57 15.32
C TYR B 381 18.34 -11.75 16.24
N GLY B 382 17.07 -12.00 16.49
CA GLY B 382 16.67 -13.19 17.21
C GLY B 382 16.41 -12.99 18.68
N ARG B 383 16.61 -11.77 19.18
CA ARG B 383 16.43 -11.51 20.60
C ARG B 383 15.04 -11.93 21.07
N ILE B 384 14.98 -12.49 22.26
CA ILE B 384 13.72 -12.91 22.85
C ILE B 384 12.79 -11.72 23.10
N PRO B 385 11.60 -11.74 22.49
CA PRO B 385 10.61 -10.67 22.65
C PRO B 385 10.28 -10.37 24.12
N TYR B 386 9.76 -9.18 24.41
CA TYR B 386 9.54 -8.66 25.78
C TYR B 386 10.64 -9.14 26.71
N PRO B 387 11.88 -8.68 26.48
CA PRO B 387 13.03 -9.21 27.23
C PRO B 387 12.85 -9.03 28.73
N GLY B 388 13.14 -10.10 29.48
CA GLY B 388 13.02 -10.08 30.92
C GLY B 388 11.62 -10.37 31.43
N MET B 389 10.62 -9.80 30.77
CA MET B 389 9.24 -9.89 31.23
C MET B 389 8.74 -11.33 31.23
N SER B 390 7.93 -11.66 32.22
CA SER B 390 7.45 -13.03 32.35
C SER B 390 6.19 -13.20 31.52
N ASN B 391 5.78 -14.43 31.31
CA ASN B 391 4.57 -14.70 30.55
C ASN B 391 3.33 -13.96 31.08
N PRO B 392 2.98 -14.15 32.37
CA PRO B 392 1.79 -13.44 32.84
C PRO B 392 2.04 -11.94 32.98
N GLU B 393 3.31 -11.56 33.12
CA GLU B 393 3.70 -10.15 33.16
C GLU B 393 3.26 -9.49 31.86
N VAL B 394 3.61 -10.10 30.74
CA VAL B 394 3.28 -9.58 29.42
C VAL B 394 1.76 -9.42 29.27
N ILE B 395 0.99 -10.40 29.71
CA ILE B 395 -0.46 -10.32 29.60
C ILE B 395 -1.06 -9.08 30.26
N ARG B 396 -0.77 -8.90 31.55
CA ARG B 396 -1.35 -7.77 32.28
C ARG B 396 -0.88 -6.46 31.66
N ALA B 397 0.35 -6.46 31.14
CA ALA B 397 0.89 -5.29 30.45
C ALA B 397 0.21 -5.02 29.09
N LEU B 398 -0.40 -6.05 28.49
CA LEU B 398 -1.08 -5.89 27.21
C LEU B 398 -2.45 -5.20 27.30
N GLU B 399 -3.11 -5.31 28.44
CA GLU B 399 -4.35 -4.57 28.66
C GLU B 399 -4.02 -3.17 29.17
N ARG B 400 -2.98 -3.09 29.98
CA ARG B 400 -2.39 -1.82 30.38
C ARG B 400 -2.08 -0.97 29.14
N GLY B 401 -1.96 -1.64 27.99
CA GLY B 401 -1.81 -0.97 26.71
C GLY B 401 -0.37 -0.83 26.24
N TYR B 402 0.54 -1.52 26.94
CA TYR B 402 1.96 -1.47 26.65
C TYR B 402 2.31 -2.18 25.34
N ARG B 403 3.32 -1.66 24.63
CA ARG B 403 3.89 -2.30 23.44
C ARG B 403 5.40 -2.24 23.55
N MET B 404 6.08 -3.16 22.86
CA MET B 404 7.55 -3.17 22.84
C MET B 404 8.07 -1.85 22.27
N PRO B 405 9.07 -1.26 22.94
CA PRO B 405 9.67 0.00 22.44
C PRO B 405 10.44 -0.22 21.14
N ARG B 406 10.46 0.78 20.28
CA ARG B 406 11.26 0.69 19.06
C ARG B 406 12.73 0.52 19.42
N PRO B 407 13.34 -0.56 18.91
CA PRO B 407 14.77 -0.71 19.13
C PRO B 407 15.62 0.18 18.24
N GLU B 408 16.91 0.21 18.58
CA GLU B 408 17.96 0.75 17.74
C GLU B 408 18.01 -0.12 16.50
N ASN B 409 18.52 0.45 15.41
CA ASN B 409 18.64 -0.25 14.13
C ASN B 409 17.30 -0.57 13.43
N CYS B 410 16.19 -0.22 14.08
CA CYS B 410 14.85 -0.39 13.50
C CYS B 410 14.25 0.95 13.06
N PRO B 411 14.01 1.14 11.74
CA PRO B 411 13.43 2.39 11.23
C PRO B 411 12.01 2.67 11.77
N GLU B 412 11.58 3.93 11.77
CA GLU B 412 10.28 4.28 12.35
C GLU B 412 9.11 3.70 11.54
N GLU B 413 9.25 3.74 10.21
CA GLU B 413 8.24 3.17 9.33
C GLU B 413 8.12 1.68 9.51
N LEU B 414 9.20 1.02 9.90
CA LEU B 414 9.13 -0.42 10.21
C LEU B 414 8.39 -0.62 11.51
N TYR B 415 8.69 0.24 12.49
CA TYR B 415 8.04 0.18 13.80
C TYR B 415 6.54 0.40 13.69
N ASN B 416 6.14 1.36 12.87
CA ASN B 416 4.74 1.66 12.71
C ASN B 416 3.93 0.44 12.28
N ILE B 417 4.54 -0.40 11.45
CA ILE B 417 3.91 -1.58 10.89
C ILE B 417 3.66 -2.64 11.95
N MET B 418 4.64 -2.82 12.83
CA MET B 418 4.43 -3.66 14.00
C MET B 418 3.29 -3.08 14.80
N MET B 419 3.36 -1.76 15.02
CA MET B 419 2.34 -1.05 15.80
C MET B 419 0.93 -1.31 15.25
N ARG B 420 0.81 -1.29 13.93
CA ARG B 420 -0.45 -1.64 13.28
C ARG B 420 -0.77 -3.13 13.41
N CYS B 421 0.26 -3.95 13.55
CA CYS B 421 0.07 -5.38 13.73
C CYS B 421 -0.40 -5.68 15.16
N TRP B 422 -0.10 -4.76 16.08
CA TRP B 422 -0.55 -4.91 17.47
C TRP B 422 -1.70 -3.98 17.88
N LYS B 423 -2.68 -3.76 17.02
CA LYS B 423 -3.87 -3.03 17.45
C LYS B 423 -4.69 -3.98 18.34
N ASN B 424 -5.34 -3.44 19.37
CA ASN B 424 -6.20 -4.27 20.23
C ASN B 424 -7.34 -4.85 19.41
N ARG B 425 -7.89 -4.03 18.53
CA ARG B 425 -8.91 -4.48 17.61
C ARG B 425 -8.26 -5.35 16.53
N PRO B 426 -8.66 -6.62 16.44
CA PRO B 426 -8.14 -7.45 15.35
C PRO B 426 -8.51 -6.89 13.98
N GLU B 427 -9.71 -6.31 13.83
CA GLU B 427 -10.14 -5.82 12.54
C GLU B 427 -9.41 -4.54 12.13
N GLU B 428 -8.74 -3.93 13.10
CA GLU B 428 -7.94 -2.75 12.83
C GLU B 428 -6.51 -3.12 12.38
N ARG B 429 -6.22 -4.41 12.41
CA ARG B 429 -4.96 -4.91 11.90
C ARG B 429 -5.03 -5.07 10.40
N PRO B 430 -3.93 -4.71 9.73
CA PRO B 430 -3.87 -4.66 8.27
C PRO B 430 -3.78 -6.07 7.69
N THR B 431 -4.01 -6.20 6.38
CA THR B 431 -3.81 -7.49 5.72
C THR B 431 -2.34 -7.86 5.48
N PHE B 432 -2.07 -9.15 5.41
CA PHE B 432 -0.79 -9.62 4.90
C PHE B 432 -0.56 -9.14 3.48
N GLU B 433 -1.62 -9.02 2.70
CA GLU B 433 -1.48 -8.53 1.32
C GLU B 433 -1.02 -7.07 1.30
N TYR B 434 -1.58 -6.26 2.19
CA TYR B 434 -1.05 -4.91 2.34
C TYR B 434 0.38 -4.94 2.90
N ILE B 435 0.60 -5.72 3.97
CA ILE B 435 1.90 -5.77 4.62
C ILE B 435 2.97 -6.16 3.61
N GLN B 436 2.65 -7.15 2.78
CA GLN B 436 3.59 -7.62 1.77
C GLN B 436 3.95 -6.53 0.77
N SER B 437 2.95 -5.76 0.37
CA SER B 437 3.18 -4.72 -0.63
C SER B 437 4.10 -3.64 -0.07
N VAL B 438 3.92 -3.32 1.21
CA VAL B 438 4.75 -2.35 1.91
C VAL B 438 6.19 -2.82 2.09
N LEU B 439 6.36 -3.99 2.69
CA LEU B 439 7.69 -4.56 2.89
C LEU B 439 8.43 -4.82 1.58
N ASP B 440 7.70 -5.26 0.57
CA ASP B 440 8.32 -5.58 -0.72
C ASP B 440 9.02 -4.37 -1.35
N ASP B 441 8.36 -3.23 -1.34
CA ASP B 441 8.91 -2.05 -1.99
C ASP B 441 9.30 -0.99 -0.97
N PHE B 442 9.62 -1.43 0.24
CA PHE B 442 9.99 -0.56 1.35
C PHE B 442 11.00 0.56 1.00
N TYR B 443 12.02 0.22 0.23
CA TYR B 443 13.04 1.20 -0.17
C TYR B 443 12.78 1.79 -1.56
N THR B 444 11.61 1.52 -2.14
CA THR B 444 11.29 2.03 -3.46
C THR B 444 10.00 2.87 -3.50
N ALA B 445 10.12 4.11 -3.96
CA ALA B 445 8.96 4.94 -4.24
C ALA B 445 8.21 4.25 -5.35
N THR B 446 6.88 4.24 -5.26
CA THR B 446 6.05 3.54 -6.26
C THR B 446 6.45 3.95 -7.66
N GLU B 447 6.57 5.26 -7.85
CA GLU B 447 6.95 5.81 -9.15
C GLU B 447 8.29 5.26 -9.68
N SER B 448 9.14 4.67 -8.84
CA SER B 448 10.43 4.15 -9.32
C SER B 448 10.45 2.64 -9.53
N GLN B 449 9.30 1.99 -9.42
CA GLN B 449 9.27 0.54 -9.54
C GLN B 449 9.77 0.14 -10.92
N GLU B 451 11.30 1.70 -14.82
CA GLU B 451 11.97 2.85 -15.41
C GLU B 451 11.23 3.13 -16.69
N GLU B 452 11.00 4.40 -16.97
CA GLU B 452 10.46 4.80 -18.26
C GLU B 452 11.61 5.31 -19.12
N ILE B 453 11.56 4.99 -20.41
CA ILE B 453 12.58 5.51 -21.32
C ILE B 453 11.98 5.82 -22.67
N PRO B 454 12.25 7.04 -23.17
CA PRO B 454 11.70 7.60 -24.42
C PRO B 454 12.40 7.02 -25.63
#